data_6UL6
#
_entry.id   6UL6
#
_cell.length_a   141.288
_cell.length_b   90.253
_cell.length_c   144.771
_cell.angle_alpha   90.0
_cell.angle_beta   119.037
_cell.angle_gamma   90.0
#
_symmetry.space_group_name_H-M   'C 1 2 1'
#
loop_
_entity.id
_entity.type
_entity.pdbx_description
1 polymer BoNT/A
2 polymer ciA-D12/11/ciA-B5
3 polymer ciA-H7
4 water water
#
loop_
_entity_poly.entity_id
_entity_poly.type
_entity_poly.pdbx_seq_one_letter_code
_entity_poly.pdbx_strand_id
1 'polypeptide(L)'
;GPMPFVNKQFNYKDPVNGVDIAYIKIPNAGQMQPVKAFKIHNKIWVIPERDTFTNPEEGDLNPPPEAKQVPVSYYDSTYL
STDNEKDNYLKGVTKLFERIYSTDLGRMLLTSIVRGIPFWGGSTIDTELKVIDTNCINVIQPDGSYRSEELNLVIIGPSA
DIIQFECKSFGHEVLNLTRNGYGSTQYIRFSPDFTFGFEESLEVDTNPLLGAGKFATDPAVTLAHQLIHAGHRLYGIAIN
PNRVFKVNTNAYYEMSGLEVSFEELRTFGGHDAKFIDSLQENEFRLYYYNKFKDIASTLNKAKSIVGTTASLQYMKNVFK
EKYLLSEDTSGKFSVDKLKFDKLYKMLTEIYTEDNFVKFFKVLNAKTFLNFDKAVFKINIVPKVNYTIYDGFNLRNTNLA
ANFNGQNTEINNMNFTKLKNFTGLFEFYKLLCVRGIITSKTKSLDKGYNKALNDLCIKVNNWDLFFSPSEDNFTNDLNKG
EEITSDTNIEAAEENISLDLIQQYYLTFNFDNEPENISIENLSSDIIGQLELMPNIERFPNGKKYELDKYTMFHYLRAQE
FEHGKSRIALTNSVNEALLNPSRVYTFFSSDYVKKVNKATEAAMFLGWVEQLVYDFTDETSEVSTTDKIADITIIIPYIG
PALNIGNMLYKDDFVGALIFSGAVILLEFIPEIAIPVLGTFALVSYIANKVLTVQTIDNALSKRNEKWDEVYKYIVTNWL
AKVNTQIDLIRKKMKEALENQAEATKAIINYQYNQYTEEEKNNINFNIDDLSSKLNESINKAMININKFLNQCSVSYLMN
SMIPYGVKRLEDFDASLKDALLKYIYDNRGTLIGQVDRLKDKVNNTLSTDIPFQLSKYVDNQRLLSTFTEYIK
;
A
2 'polypeptide(L)'
;GPLGSQLQLVESGGGLVQPGGSLRLSCVVSGSDFNTYIMGWYRQVPGKPRELVADITTEGKTNYGGSVKGRFTISRDNAK
NTVYLQMFGLKPEDAGNYVCNADWKMGAWTAGDYGIDYWGKGTLVTVSSEPKTPKPQVQAQLQLVESGGGLVHPGGSLRL
SCAPSASLPSTPFNPFNNMVGWYRQAPGKQREMVASIGLRINYADSVKGRFTISRDNAKNTVDLQMDSLRPEDSATYYCH
IEYTHYWGKGTLVTVSSEPKTPKPQ
;
B
3 'polypeptide(L)'
;GSQVQLVESGGGLVQVGGSLRLSCVVSGSDISGIAMGWYRQAPGKRREMVADIFSGGSTDYAGSVKGRFTISRDNAKKTS
YLQMNNVKPEDTGVYYCRLYGSGDYWGQGTQVTVSSAHHSEDP
;
C
#
# COMPACT_ATOMS: atom_id res chain seq x y z
N MET A 3 -24.25 -15.88 0.60
CA MET A 3 -22.90 -15.65 0.06
C MET A 3 -22.41 -14.19 0.04
N PRO A 4 -23.29 -13.17 -0.08
CA PRO A 4 -22.70 -11.85 0.19
C PRO A 4 -22.30 -11.70 1.67
N PHE A 5 -21.26 -10.94 1.95
CA PHE A 5 -20.89 -10.70 3.36
C PHE A 5 -21.94 -9.92 4.15
N VAL A 6 -22.54 -8.92 3.51
CA VAL A 6 -23.57 -8.13 4.14
C VAL A 6 -24.86 -8.55 3.48
N ASN A 7 -25.71 -9.24 4.22
CA ASN A 7 -26.85 -9.87 3.56
C ASN A 7 -28.15 -9.14 3.84
N LYS A 8 -28.02 -7.86 4.07
CA LYS A 8 -29.15 -7.04 4.40
C LYS A 8 -28.81 -5.61 3.98
N GLN A 9 -29.80 -4.88 3.49
CA GLN A 9 -29.57 -3.47 3.22
C GLN A 9 -29.76 -2.73 4.53
N PHE A 10 -28.79 -1.91 4.93
CA PHE A 10 -28.87 -1.13 6.16
C PHE A 10 -29.04 0.36 5.84
N ASN A 11 -30.06 0.99 6.41
CA ASN A 11 -30.16 2.45 6.36
C ASN A 11 -30.05 3.03 7.74
N TYR A 12 -29.41 4.18 7.87
CA TYR A 12 -29.22 4.74 9.20
C TYR A 12 -30.56 4.88 9.97
N LYS A 13 -31.64 5.31 9.30
CA LYS A 13 -32.93 5.52 10.00
C LYS A 13 -33.80 4.27 10.10
N ASP A 14 -33.31 3.09 9.77
CA ASP A 14 -34.10 1.88 9.98
C ASP A 14 -34.42 1.77 11.47
N PRO A 15 -35.59 1.20 11.82
CA PRO A 15 -35.95 1.06 13.24
C PRO A 15 -35.00 0.08 13.96
N VAL A 16 -34.79 0.25 15.27
CA VAL A 16 -33.95 -0.69 16.03
C VAL A 16 -34.69 -2.00 16.20
N ASN A 17 -33.96 -3.11 16.29
CA ASN A 17 -34.61 -4.37 16.57
C ASN A 17 -33.88 -5.16 17.67
N GLY A 18 -32.73 -4.64 18.13
CA GLY A 18 -32.07 -5.24 19.30
C GLY A 18 -31.19 -6.42 18.91
N VAL A 19 -31.13 -6.69 17.61
CA VAL A 19 -30.49 -7.89 17.07
C VAL A 19 -29.33 -7.48 16.14
N ASP A 20 -29.63 -6.81 15.03
CA ASP A 20 -28.58 -6.24 14.20
C ASP A 20 -28.75 -4.75 13.95
N ILE A 21 -29.78 -4.13 14.49
CA ILE A 21 -29.83 -2.65 14.48
C ILE A 21 -30.18 -2.26 15.91
N ALA A 22 -29.29 -1.53 16.61
CA ALA A 22 -29.55 -1.24 18.03
C ALA A 22 -28.69 -0.12 18.51
N TYR A 23 -29.13 0.52 19.57
CA TYR A 23 -28.24 1.38 20.31
C TYR A 23 -27.39 0.48 21.16
N ILE A 24 -26.08 0.72 21.16
CA ILE A 24 -25.21 -0.08 21.98
C ILE A 24 -24.36 0.78 22.92
N LYS A 25 -23.76 0.12 23.91
CA LYS A 25 -22.71 0.74 24.70
C LYS A 25 -21.47 -0.13 24.60
N ILE A 26 -20.32 0.52 24.55
CA ILE A 26 -19.04 -0.17 24.40
C ILE A 26 -18.25 0.10 25.64
N PRO A 27 -17.15 -0.64 25.86
CA PRO A 27 -16.34 -0.35 27.05
C PRO A 27 -15.91 1.12 27.06
N ASN A 28 -15.81 1.70 28.23
CA ASN A 28 -15.63 3.10 28.31
C ASN A 28 -14.98 3.49 29.62
N ALA A 29 -14.24 4.60 29.65
CA ALA A 29 -13.57 4.99 30.89
C ALA A 29 -14.56 5.64 31.85
N GLY A 30 -15.42 6.49 31.32
CA GLY A 30 -16.47 7.06 32.15
C GLY A 30 -17.80 6.39 31.91
N GLN A 31 -18.78 7.15 31.42
CA GLN A 31 -20.15 6.70 31.29
C GLN A 31 -20.72 7.15 29.95
N MET A 32 -20.46 6.38 28.90
CA MET A 32 -20.93 6.80 27.56
C MET A 32 -22.45 6.61 27.41
N GLN A 33 -23.07 7.45 26.59
CA GLN A 33 -24.44 7.22 26.22
C GLN A 33 -24.51 6.18 25.10
N PRO A 34 -25.64 5.47 24.99
CA PRO A 34 -25.85 4.49 23.92
C PRO A 34 -25.76 5.15 22.52
N VAL A 35 -25.19 4.47 21.58
CA VAL A 35 -25.06 5.02 20.23
C VAL A 35 -25.63 4.05 19.24
N LYS A 36 -26.27 4.57 18.19
CA LYS A 36 -26.86 3.65 17.20
C LYS A 36 -25.83 2.89 16.36
N ALA A 37 -25.99 1.57 16.31
CA ALA A 37 -25.01 0.75 15.66
C ALA A 37 -25.67 -0.35 14.82
N PHE A 38 -24.92 -0.93 13.91
CA PHE A 38 -25.43 -1.88 12.92
C PHE A 38 -24.55 -3.10 12.88
N LYS A 39 -25.14 -4.27 13.01
CA LYS A 39 -24.33 -5.50 12.98
C LYS A 39 -24.29 -6.03 11.55
N ILE A 40 -23.26 -5.69 10.80
CA ILE A 40 -23.29 -5.92 9.34
C ILE A 40 -22.94 -7.35 9.01
N HIS A 41 -22.44 -8.09 9.99
CA HIS A 41 -22.10 -9.47 9.81
C HIS A 41 -21.88 -10.04 11.21
N ASN A 42 -22.04 -11.35 11.36
CA ASN A 42 -21.74 -12.01 12.65
C ASN A 42 -20.39 -11.46 13.23
N LYS A 43 -20.41 -11.04 14.50
CA LYS A 43 -19.25 -10.52 15.28
C LYS A 43 -18.71 -9.13 14.83
N ILE A 44 -19.36 -8.46 13.88
CA ILE A 44 -18.89 -7.19 13.38
C ILE A 44 -19.94 -6.08 13.37
N TRP A 45 -19.66 -5.02 14.09
CA TRP A 45 -20.59 -3.90 14.14
C TRP A 45 -20.01 -2.62 13.50
N VAL A 46 -20.90 -1.73 13.09
CA VAL A 46 -20.50 -0.40 12.63
C VAL A 46 -21.18 0.66 13.45
N ILE A 47 -20.42 1.63 13.93
CA ILE A 47 -20.96 2.77 14.66
C ILE A 47 -20.66 4.02 13.86
N PRO A 48 -21.69 4.58 13.16
CA PRO A 48 -21.39 5.76 12.32
C PRO A 48 -21.36 7.03 13.16
N GLU A 49 -20.42 7.10 14.08
CA GLU A 49 -20.25 8.29 14.93
C GLU A 49 -18.79 8.64 14.91
N ARG A 50 -18.45 9.92 15.06
CA ARG A 50 -17.05 10.23 15.35
C ARG A 50 -16.64 9.62 16.72
N ASP A 51 -15.41 9.15 16.81
CA ASP A 51 -14.94 8.47 18.01
C ASP A 51 -14.53 9.48 19.06
N THR A 52 -15.50 9.92 19.84
CA THR A 52 -15.20 10.74 20.98
C THR A 52 -15.32 9.90 22.23
N PHE A 53 -15.41 8.58 22.09
CA PHE A 53 -15.79 7.73 23.25
C PHE A 53 -14.70 6.90 23.79
N THR A 54 -13.92 6.30 22.90
CA THR A 54 -13.02 5.24 23.33
C THR A 54 -11.86 5.77 24.18
N ASN A 55 -11.51 7.03 24.00
CA ASN A 55 -10.42 7.64 24.74
C ASN A 55 -10.87 8.96 25.27
N PRO A 56 -10.97 9.08 26.62
CA PRO A 56 -11.50 10.27 27.32
C PRO A 56 -10.64 11.52 27.10
N GLU A 57 -9.33 11.35 26.87
CA GLU A 57 -8.45 12.45 26.46
C GLU A 57 -8.71 12.90 25.01
N GLU A 58 -9.65 12.26 24.33
CA GLU A 58 -9.94 12.57 22.94
C GLU A 58 -11.44 12.80 22.74
N GLY A 59 -11.96 13.89 23.31
CA GLY A 59 -13.36 14.24 23.15
C GLY A 59 -13.59 15.42 22.21
N ASP A 60 -12.58 16.24 22.02
CA ASP A 60 -12.71 17.42 21.18
C ASP A 60 -12.38 17.10 19.72
N LEU A 61 -13.15 17.67 18.78
CA LEU A 61 -12.95 17.32 17.37
C LEU A 61 -12.21 18.42 16.59
N ASN A 62 -11.60 19.35 17.32
CA ASN A 62 -10.87 20.45 16.68
C ASN A 62 -9.40 20.15 16.47
N PRO A 63 -8.72 20.95 15.64
CA PRO A 63 -7.28 20.70 15.52
C PRO A 63 -6.59 20.84 16.88
N PRO A 64 -5.56 20.02 17.11
CA PRO A 64 -4.93 19.99 18.43
C PRO A 64 -4.00 21.19 18.62
N PRO A 65 -3.54 21.44 19.87
CA PRO A 65 -2.62 22.57 20.06
C PRO A 65 -1.29 22.32 19.35
N GLU A 66 -0.71 21.15 19.63
CA GLU A 66 0.47 20.68 18.92
C GLU A 66 0.10 19.88 17.65
N ALA A 67 0.48 20.40 16.48
CA ALA A 67 0.31 19.66 15.21
C ALA A 67 0.86 18.21 15.29
N LYS A 68 0.06 17.28 14.81
CA LYS A 68 0.46 15.90 14.78
C LYS A 68 1.64 15.83 13.82
N GLN A 69 2.60 14.94 14.09
CA GLN A 69 3.83 14.89 13.28
C GLN A 69 3.65 13.90 12.13
N VAL A 70 2.74 14.26 11.22
CA VAL A 70 2.32 13.36 10.13
C VAL A 70 2.24 14.19 8.83
N PRO A 71 2.48 13.54 7.68
CA PRO A 71 2.56 14.32 6.44
C PRO A 71 1.22 14.94 6.02
N VAL A 72 0.13 14.22 6.29
CA VAL A 72 -1.20 14.71 5.93
C VAL A 72 -2.21 14.47 7.04
N SER A 73 -2.93 15.53 7.41
CA SER A 73 -3.96 15.44 8.43
C SER A 73 -5.14 16.29 8.00
N TYR A 74 -6.30 16.04 8.59
CA TYR A 74 -7.48 16.76 8.21
C TYR A 74 -8.50 16.81 9.34
N TYR A 75 -9.06 18.00 9.55
CA TYR A 75 -9.98 18.27 10.65
C TYR A 75 -11.24 18.93 10.14
N ASP A 76 -12.35 18.55 10.75
CA ASP A 76 -13.60 19.19 10.48
C ASP A 76 -14.54 18.70 11.55
N SER A 77 -14.80 19.55 12.53
CA SER A 77 -15.58 19.11 13.67
C SER A 77 -17.02 18.75 13.29
N THR A 78 -17.46 19.21 12.12
CA THR A 78 -18.86 18.99 11.74
C THR A 78 -19.03 17.77 10.92
N TYR A 79 -17.94 17.11 10.50
CA TYR A 79 -18.11 15.90 9.69
C TYR A 79 -18.77 14.76 10.50
N LEU A 80 -19.70 14.06 9.84
CA LEU A 80 -20.44 12.90 10.40
C LEU A 80 -21.37 13.32 11.56
N SER A 81 -21.94 14.53 11.48
CA SER A 81 -22.79 14.99 12.55
C SER A 81 -24.25 14.87 12.15
N THR A 82 -24.53 14.67 10.87
CA THR A 82 -25.95 14.57 10.47
C THR A 82 -26.39 13.15 10.12
N ASP A 83 -27.69 12.93 10.14
CA ASP A 83 -28.23 11.62 9.81
C ASP A 83 -27.88 11.17 8.40
N ASN A 84 -28.02 12.06 7.43
CA ASN A 84 -27.68 11.65 6.07
C ASN A 84 -26.20 11.23 5.90
N GLU A 85 -25.26 11.96 6.51
CA GLU A 85 -23.85 11.56 6.52
C GLU A 85 -23.66 10.19 7.15
N LYS A 86 -24.37 9.95 8.26
CA LYS A 86 -24.20 8.68 8.94
C LYS A 86 -24.74 7.57 8.05
N ASP A 87 -25.81 7.85 7.28
CA ASP A 87 -26.34 6.85 6.36
C ASP A 87 -25.32 6.57 5.25
N ASN A 88 -24.74 7.62 4.73
CA ASN A 88 -23.75 7.47 3.67
C ASN A 88 -22.47 6.77 4.18
N TYR A 89 -22.06 7.12 5.39
CA TYR A 89 -20.93 6.45 6.08
C TYR A 89 -21.17 4.95 6.17
N LEU A 90 -22.32 4.57 6.71
CA LEU A 90 -22.68 3.16 6.83
C LEU A 90 -22.67 2.40 5.51
N LYS A 91 -23.28 2.97 4.48
CA LYS A 91 -23.27 2.33 3.16
C LYS A 91 -21.90 2.26 2.52
N GLY A 92 -21.07 3.27 2.72
CA GLY A 92 -19.69 3.24 2.25
C GLY A 92 -18.92 2.10 2.88
N VAL A 93 -19.09 1.94 4.19
CA VAL A 93 -18.34 0.89 4.89
C VAL A 93 -18.85 -0.48 4.45
N THR A 94 -20.17 -0.64 4.36
CA THR A 94 -20.67 -1.97 3.97
C THR A 94 -20.24 -2.31 2.52
N LYS A 95 -20.27 -1.31 1.64
CA LYS A 95 -19.81 -1.52 0.26
C LYS A 95 -18.32 -1.95 0.23
N LEU A 96 -17.50 -1.34 1.10
CA LEU A 96 -16.08 -1.65 1.14
C LEU A 96 -15.88 -3.07 1.68
N PHE A 97 -16.69 -3.49 2.64
CA PHE A 97 -16.58 -4.89 3.13
C PHE A 97 -16.89 -5.86 2.03
N GLU A 98 -17.94 -5.55 1.23
CA GLU A 98 -18.31 -6.42 0.14
C GLU A 98 -17.21 -6.49 -0.92
N ARG A 99 -16.57 -5.37 -1.17
CA ARG A 99 -15.44 -5.33 -2.12
C ARG A 99 -14.25 -6.18 -1.63
N ILE A 100 -13.94 -6.07 -0.34
CA ILE A 100 -12.87 -6.89 0.24
C ILE A 100 -13.25 -8.37 0.16
N TYR A 101 -14.49 -8.68 0.57
CA TYR A 101 -15.00 -10.04 0.57
C TYR A 101 -15.09 -10.68 -0.80
N SER A 102 -15.21 -9.84 -1.83
CA SER A 102 -15.35 -10.31 -3.21
CA SER A 102 -15.36 -10.34 -3.20
C SER A 102 -14.04 -10.85 -3.77
N THR A 103 -12.93 -10.61 -3.06
CA THR A 103 -11.63 -11.16 -3.45
C THR A 103 -11.35 -12.43 -2.68
N ASP A 104 -10.64 -13.40 -3.28
CA ASP A 104 -10.34 -14.62 -2.51
C ASP A 104 -9.64 -14.28 -1.20
N LEU A 105 -8.68 -13.36 -1.29
CA LEU A 105 -7.88 -12.98 -0.12
C LEU A 105 -8.71 -12.31 0.96
N GLY A 106 -9.61 -11.40 0.57
CA GLY A 106 -10.48 -10.78 1.54
C GLY A 106 -11.51 -11.72 2.13
N ARG A 107 -11.94 -12.69 1.36
CA ARG A 107 -12.88 -13.67 1.90
C ARG A 107 -12.23 -14.44 3.06
N MET A 108 -10.98 -14.84 2.82
CA MET A 108 -10.15 -15.51 3.81
C MET A 108 -9.79 -14.68 5.04
N LEU A 109 -9.43 -13.41 4.83
CA LEU A 109 -9.15 -12.52 5.96
C LEU A 109 -10.41 -12.27 6.78
N LEU A 110 -11.54 -11.97 6.12
CA LEU A 110 -12.72 -11.68 6.93
C LEU A 110 -13.18 -12.92 7.66
N THR A 111 -13.01 -14.09 7.07
CA THR A 111 -13.46 -15.31 7.75
C THR A 111 -12.55 -15.52 9.01
N SER A 112 -11.26 -15.23 8.86
CA SER A 112 -10.32 -15.37 9.96
C SER A 112 -10.68 -14.42 11.08
N ILE A 113 -11.05 -13.20 10.72
CA ILE A 113 -11.49 -12.23 11.70
C ILE A 113 -12.74 -12.69 12.47
N VAL A 114 -13.69 -13.29 11.76
CA VAL A 114 -14.93 -13.76 12.45
C VAL A 114 -14.59 -14.97 13.35
N ARG A 115 -13.67 -15.82 12.89
CA ARG A 115 -13.25 -16.97 13.69
C ARG A 115 -12.42 -16.57 14.90
N GLY A 116 -11.80 -15.39 14.86
CA GLY A 116 -10.79 -15.01 15.83
C GLY A 116 -11.32 -14.42 17.13
N ILE A 117 -12.33 -15.08 17.69
CA ILE A 117 -12.92 -14.63 18.95
C ILE A 117 -11.87 -14.43 20.08
N PRO A 118 -11.93 -13.29 20.77
CA PRO A 118 -11.00 -13.06 21.89
C PRO A 118 -11.08 -14.20 22.90
N PHE A 119 -9.92 -14.65 23.38
CA PHE A 119 -9.86 -15.85 24.20
C PHE A 119 -10.62 -15.63 25.52
N TRP A 120 -11.24 -16.70 26.01
CA TRP A 120 -11.96 -16.67 27.29
C TRP A 120 -10.97 -16.78 28.49
N GLY A 121 -10.08 -15.81 28.60
CA GLY A 121 -9.05 -15.83 29.63
C GLY A 121 -9.32 -14.90 30.81
N GLY A 122 -10.59 -14.65 31.11
CA GLY A 122 -10.91 -13.63 32.09
C GLY A 122 -10.90 -14.13 33.53
N SER A 123 -10.75 -15.43 33.76
CA SER A 123 -10.65 -15.91 35.15
C SER A 123 -9.21 -15.86 35.59
N THR A 124 -8.97 -15.83 36.89
CA THR A 124 -7.62 -16.09 37.32
C THR A 124 -7.54 -17.48 37.96
N ILE A 125 -8.69 -18.13 38.07
CA ILE A 125 -8.73 -19.52 38.52
C ILE A 125 -8.10 -20.41 37.46
N ASP A 126 -7.20 -21.31 37.86
CA ASP A 126 -6.41 -22.09 36.90
C ASP A 126 -7.23 -23.03 36.00
N THR A 127 -8.46 -23.35 36.39
CA THR A 127 -9.26 -24.37 35.74
C THR A 127 -10.53 -23.83 35.07
N GLU A 128 -10.64 -22.51 35.02
CA GLU A 128 -11.90 -21.88 34.62
C GLU A 128 -11.83 -21.03 33.33
N LEU A 129 -12.80 -21.21 32.44
CA LEU A 129 -12.91 -20.37 31.22
C LEU A 129 -13.96 -19.30 31.52
N LYS A 130 -13.63 -18.04 31.19
CA LYS A 130 -14.45 -16.89 31.57
C LYS A 130 -14.28 -15.82 30.51
N VAL A 131 -15.34 -15.12 30.10
CA VAL A 131 -15.15 -14.01 29.11
C VAL A 131 -14.40 -12.85 29.77
N ILE A 132 -13.72 -12.05 28.95
CA ILE A 132 -13.21 -10.77 29.43
C ILE A 132 -14.22 -9.70 29.00
N ASP A 133 -14.72 -8.90 29.93
CA ASP A 133 -15.87 -7.98 29.71
CA ASP A 133 -15.91 -8.09 29.62
C ASP A 133 -15.67 -6.99 28.59
N THR A 134 -14.42 -6.52 28.49
CA THR A 134 -14.09 -5.48 27.53
C THR A 134 -14.04 -6.04 26.12
N ASN A 135 -14.32 -7.34 25.96
CA ASN A 135 -14.48 -7.91 24.62
C ASN A 135 -15.97 -8.07 24.28
N CYS A 136 -16.80 -7.29 24.96
CA CYS A 136 -18.26 -7.35 24.77
C CYS A 136 -18.84 -5.97 24.57
N ILE A 137 -20.14 -5.92 24.21
CA ILE A 137 -20.92 -4.68 24.27
C ILE A 137 -22.25 -4.95 24.98
N ASN A 138 -22.92 -3.89 25.38
CA ASN A 138 -24.32 -4.00 25.74
C ASN A 138 -25.21 -3.56 24.59
N VAL A 139 -26.17 -4.42 24.24
CA VAL A 139 -27.13 -4.16 23.15
C VAL A 139 -28.48 -3.80 23.74
N ILE A 140 -28.89 -2.55 23.58
CA ILE A 140 -30.18 -2.14 24.08
C ILE A 140 -31.27 -2.72 23.18
N GLN A 141 -32.31 -3.26 23.79
CA GLN A 141 -33.49 -3.82 23.11
C GLN A 141 -34.55 -2.76 22.87
N PRO A 142 -35.52 -3.05 21.98
CA PRO A 142 -36.52 -2.00 21.69
C PRO A 142 -37.34 -1.58 22.91
N ASP A 143 -37.46 -2.47 23.87
CA ASP A 143 -38.26 -2.15 25.06
C ASP A 143 -37.42 -1.38 26.09
N GLY A 144 -36.14 -1.15 25.80
CA GLY A 144 -35.31 -0.41 26.73
C GLY A 144 -34.51 -1.24 27.75
N SER A 145 -34.73 -2.55 27.78
CA SER A 145 -33.81 -3.46 28.47
C SER A 145 -32.49 -3.59 27.67
N TYR A 146 -31.54 -4.40 28.16
CA TYR A 146 -30.33 -4.67 27.35
C TYR A 146 -29.87 -6.09 27.54
N ARG A 147 -29.13 -6.56 26.57
CA ARG A 147 -28.45 -7.85 26.57
C ARG A 147 -26.95 -7.57 26.34
N SER A 148 -26.06 -8.42 26.84
CA SER A 148 -24.66 -8.29 26.54
C SER A 148 -24.27 -9.27 25.47
N GLU A 149 -23.33 -8.91 24.59
CA GLU A 149 -22.87 -9.80 23.52
C GLU A 149 -21.38 -9.72 23.31
N GLU A 150 -20.77 -10.83 22.93
CA GLU A 150 -19.37 -10.78 22.50
C GLU A 150 -19.34 -10.25 21.06
N LEU A 151 -18.23 -9.61 20.69
CA LEU A 151 -18.05 -9.20 19.27
C LEU A 151 -16.57 -9.13 19.01
N ASN A 152 -16.17 -9.24 17.71
CA ASN A 152 -14.73 -9.18 17.36
C ASN A 152 -14.25 -7.83 16.88
N LEU A 153 -15.15 -7.12 16.20
CA LEU A 153 -14.75 -5.97 15.42
C LEU A 153 -15.86 -4.91 15.34
N VAL A 154 -15.45 -3.68 15.58
CA VAL A 154 -16.28 -2.50 15.40
C VAL A 154 -15.57 -1.53 14.48
N ILE A 155 -16.30 -1.03 13.49
CA ILE A 155 -15.83 0.10 12.71
C ILE A 155 -16.53 1.33 13.21
N ILE A 156 -15.79 2.37 13.55
CA ILE A 156 -16.36 3.61 14.07
C ILE A 156 -15.74 4.76 13.35
N GLY A 157 -16.39 5.92 13.38
CA GLY A 157 -15.84 7.08 12.71
C GLY A 157 -14.57 7.60 13.34
N PRO A 158 -13.87 8.43 12.58
CA PRO A 158 -12.58 8.86 13.12
C PRO A 158 -12.76 9.86 14.27
N SER A 159 -11.65 10.10 14.94
CA SER A 159 -11.52 11.10 15.97
C SER A 159 -11.25 12.42 15.27
N ALA A 160 -10.67 13.39 15.98
CA ALA A 160 -10.54 14.73 15.45
C ALA A 160 -9.77 14.75 14.13
N ASP A 161 -8.72 13.93 14.02
CA ASP A 161 -8.00 13.86 12.75
C ASP A 161 -8.73 12.82 11.90
N ILE A 162 -9.49 13.31 10.93
CA ILE A 162 -10.44 12.50 10.17
C ILE A 162 -9.78 11.40 9.37
N ILE A 163 -8.51 11.63 9.00
CA ILE A 163 -7.83 10.61 8.19
C ILE A 163 -6.77 9.88 8.99
N GLN A 164 -6.83 9.94 10.32
CA GLN A 164 -5.98 9.08 11.16
C GLN A 164 -6.78 7.78 11.39
N PHE A 165 -6.43 6.76 10.62
CA PHE A 165 -7.14 5.50 10.67
C PHE A 165 -6.30 4.57 11.54
N GLU A 166 -6.91 3.83 12.43
CA GLU A 166 -6.10 2.95 13.25
C GLU A 166 -7.00 1.97 14.00
N CYS A 167 -6.36 0.95 14.58
CA CYS A 167 -7.03 -0.14 15.24
C CYS A 167 -6.82 -0.08 16.75
N LYS A 168 -7.85 0.21 17.51
CA LYS A 168 -7.77 0.39 18.95
C LYS A 168 -8.39 -0.76 19.73
N SER A 169 -7.97 -0.98 20.98
CA SER A 169 -8.66 -1.97 21.78
C SER A 169 -8.41 -1.76 23.26
N PHE A 170 -9.28 -2.36 24.04
CA PHE A 170 -9.26 -2.11 25.45
C PHE A 170 -8.31 -3.09 26.12
N GLY A 171 -7.54 -2.56 27.05
CA GLY A 171 -6.51 -3.34 27.73
C GLY A 171 -6.98 -4.08 28.98
N HIS A 172 -6.02 -4.71 29.68
CA HIS A 172 -6.29 -5.57 30.83
C HIS A 172 -5.17 -5.27 31.84
N GLU A 173 -5.52 -5.31 33.12
CA GLU A 173 -4.62 -4.97 34.22
C GLU A 173 -3.35 -5.80 34.21
N VAL A 174 -3.47 -7.04 33.77
CA VAL A 174 -2.33 -7.96 33.79
C VAL A 174 -1.99 -8.52 32.41
N LEU A 175 -3.01 -8.69 31.55
CA LEU A 175 -2.85 -9.36 30.28
C LEU A 175 -2.63 -8.37 29.13
N ASN A 176 -1.64 -8.64 28.29
CA ASN A 176 -1.41 -7.84 27.09
C ASN A 176 -2.01 -8.57 25.94
N LEU A 177 -3.32 -8.41 25.80
CA LEU A 177 -4.16 -9.26 24.95
C LEU A 177 -3.80 -9.24 23.45
N THR A 178 -3.31 -8.13 22.92
CA THR A 178 -3.04 -8.10 21.49
C THR A 178 -1.71 -8.77 21.10
N ARG A 179 -0.91 -9.14 22.11
CA ARG A 179 0.40 -9.70 21.81
C ARG A 179 0.72 -10.91 22.69
N ASN A 180 -0.26 -11.42 23.41
CA ASN A 180 0.00 -12.65 24.18
C ASN A 180 -0.80 -13.84 23.67
N GLY A 181 -1.34 -13.76 22.45
CA GLY A 181 -2.07 -14.90 21.91
C GLY A 181 -3.56 -14.89 22.24
N TYR A 182 -4.00 -14.14 23.28
CA TYR A 182 -5.46 -14.12 23.58
C TYR A 182 -6.31 -13.39 22.54
N GLY A 183 -5.92 -12.16 22.20
CA GLY A 183 -6.73 -11.34 21.36
C GLY A 183 -7.73 -10.51 22.15
N SER A 184 -8.30 -9.51 21.50
CA SER A 184 -9.28 -8.63 22.11
C SER A 184 -10.12 -8.00 20.99
N THR A 185 -11.31 -7.59 21.35
CA THR A 185 -12.18 -6.86 20.38
C THR A 185 -11.47 -5.62 19.81
N GLN A 186 -11.50 -5.48 18.49
CA GLN A 186 -10.82 -4.37 17.81
C GLN A 186 -11.80 -3.29 17.34
N TYR A 187 -11.40 -2.04 17.57
CA TYR A 187 -12.15 -0.85 17.21
C TYR A 187 -11.29 -0.10 16.15
N ILE A 188 -11.76 -0.09 14.90
CA ILE A 188 -11.05 0.62 13.84
C ILE A 188 -11.70 2.00 13.64
N ARG A 189 -10.93 3.05 13.87
CA ARG A 189 -11.33 4.37 13.41
C ARG A 189 -11.08 4.42 11.89
N PHE A 190 -12.13 4.73 11.14
CA PHE A 190 -12.04 4.62 9.70
C PHE A 190 -13.12 5.49 9.14
N SER A 191 -12.83 6.12 7.99
CA SER A 191 -13.85 6.88 7.23
C SER A 191 -13.78 6.46 5.76
N PRO A 192 -14.92 6.10 5.14
CA PRO A 192 -14.96 5.85 3.70
C PRO A 192 -15.17 7.11 2.89
N ASP A 193 -15.24 8.25 3.55
CA ASP A 193 -15.64 9.50 2.92
C ASP A 193 -14.47 10.36 2.44
N PHE A 194 -13.26 9.90 2.74
CA PHE A 194 -12.04 10.63 2.42
C PHE A 194 -11.01 9.65 1.94
N THR A 195 -10.03 10.11 1.17
CA THR A 195 -8.89 9.25 0.99
C THR A 195 -7.62 10.04 0.73
N PHE A 196 -6.50 9.32 0.62
CA PHE A 196 -5.20 9.96 0.38
C PHE A 196 -4.89 10.08 -1.10
N GLY A 197 -4.08 11.08 -1.44
CA GLY A 197 -3.45 11.15 -2.75
C GLY A 197 -1.97 10.85 -2.67
N PHE A 198 -1.44 10.13 -3.67
CA PHE A 198 -0.03 9.79 -3.69
C PHE A 198 0.46 9.97 -5.14
N GLU A 199 1.78 10.14 -5.28
CA GLU A 199 2.43 10.21 -6.60
C GLU A 199 3.02 8.87 -6.92
N GLU A 200 2.96 8.50 -8.18
CA GLU A 200 3.49 7.25 -8.61
C GLU A 200 3.94 7.39 -10.03
N SER A 201 5.15 6.89 -10.28
CA SER A 201 5.73 6.94 -11.61
C SER A 201 6.34 5.59 -12.03
N LEU A 202 6.43 4.63 -11.10
CA LEU A 202 7.03 3.32 -11.42
C LEU A 202 6.33 2.57 -12.56
N GLU A 203 5.07 2.89 -12.76
CA GLU A 203 4.23 2.10 -13.64
C GLU A 203 4.22 2.57 -15.08
N VAL A 204 5.00 3.62 -15.38
CA VAL A 204 4.96 4.17 -16.71
C VAL A 204 5.39 3.17 -17.77
N ASP A 205 6.16 2.13 -17.42
CA ASP A 205 6.64 1.24 -18.49
C ASP A 205 5.53 0.31 -18.99
N THR A 206 4.75 -0.21 -18.05
CA THR A 206 3.63 -1.05 -18.40
C THR A 206 2.46 -0.15 -18.87
N ASN A 207 2.41 1.06 -18.32
CA ASN A 207 1.32 1.96 -18.62
C ASN A 207 1.79 3.34 -19.04
N PRO A 208 2.32 3.46 -20.28
CA PRO A 208 2.93 4.72 -20.73
C PRO A 208 1.99 5.91 -20.74
N LEU A 209 0.68 5.67 -20.75
CA LEU A 209 -0.27 6.76 -20.74
C LEU A 209 -0.79 7.01 -19.33
N LEU A 210 -0.12 6.45 -18.33
CA LEU A 210 -0.39 6.79 -16.93
C LEU A 210 -0.65 8.29 -16.75
N GLY A 211 -1.72 8.65 -16.05
CA GLY A 211 -2.13 10.04 -15.94
C GLY A 211 -1.21 10.91 -15.08
N ALA A 212 -1.24 12.22 -15.31
CA ALA A 212 -0.45 13.19 -14.53
C ALA A 212 -1.03 13.38 -13.12
N GLY A 213 -0.20 13.84 -12.19
CA GLY A 213 -0.70 14.37 -10.95
C GLY A 213 -0.97 13.25 -9.97
N LYS A 214 -1.74 13.53 -8.94
CA LYS A 214 -1.91 12.52 -7.89
C LYS A 214 -2.99 11.47 -8.21
N PHE A 215 -2.74 10.26 -7.73
CA PHE A 215 -3.70 9.20 -7.77
C PHE A 215 -4.31 9.10 -6.37
N ALA A 216 -5.52 8.58 -6.28
CA ALA A 216 -6.16 8.37 -4.96
C ALA A 216 -6.00 6.93 -4.52
N THR A 217 -5.62 6.73 -3.25
CA THR A 217 -5.67 5.38 -2.65
C THR A 217 -7.10 4.85 -2.62
N ASP A 218 -7.26 3.63 -3.07
CA ASP A 218 -8.57 3.00 -3.01
C ASP A 218 -8.90 2.75 -1.50
N PRO A 219 -10.03 3.30 -0.99
CA PRO A 219 -10.31 3.09 0.45
C PRO A 219 -10.47 1.61 0.80
N ALA A 220 -10.74 0.75 -0.17
CA ALA A 220 -10.73 -0.67 0.11
C ALA A 220 -9.37 -1.23 0.60
N VAL A 221 -8.28 -0.72 0.03
CA VAL A 221 -6.93 -1.07 0.42
C VAL A 221 -6.72 -0.57 1.82
N THR A 222 -7.10 0.67 2.04
CA THR A 222 -6.90 1.30 3.36
C THR A 222 -7.64 0.53 4.48
N LEU A 223 -8.89 0.20 4.21
CA LEU A 223 -9.67 -0.62 5.19
C LEU A 223 -9.04 -1.99 5.35
N ALA A 224 -8.63 -2.60 4.24
CA ALA A 224 -8.01 -3.92 4.33
C ALA A 224 -6.77 -3.84 5.21
N HIS A 225 -6.00 -2.76 5.10
CA HIS A 225 -4.80 -2.56 5.93
C HIS A 225 -5.15 -2.59 7.42
N GLN A 226 -6.15 -1.79 7.79
CA GLN A 226 -6.62 -1.82 9.17
C GLN A 226 -7.23 -3.15 9.58
N LEU A 227 -7.89 -3.84 8.68
CA LEU A 227 -8.42 -5.18 9.00
C LEU A 227 -7.31 -6.21 9.24
N ILE A 228 -6.19 -6.05 8.54
CA ILE A 228 -5.06 -6.93 8.73
C ILE A 228 -4.50 -6.70 10.15
N HIS A 229 -4.30 -5.45 10.57
CA HIS A 229 -3.91 -5.18 11.96
C HIS A 229 -4.93 -5.85 12.91
N ALA A 230 -6.21 -5.73 12.60
CA ALA A 230 -7.25 -6.25 13.50
C ALA A 230 -7.13 -7.76 13.60
N GLY A 231 -6.80 -8.41 12.48
CA GLY A 231 -6.51 -9.82 12.43
C GLY A 231 -5.35 -10.18 13.38
N HIS A 232 -4.24 -9.47 13.28
CA HIS A 232 -3.07 -9.79 14.18
C HIS A 232 -3.48 -9.67 15.63
N ARG A 233 -4.20 -8.58 15.93
CA ARG A 233 -4.57 -8.23 17.28
C ARG A 233 -5.64 -9.16 17.86
N LEU A 234 -6.56 -9.64 17.03
CA LEU A 234 -7.55 -10.63 17.46
C LEU A 234 -6.92 -12.00 17.75
N TYR A 235 -5.86 -12.35 16.99
CA TYR A 235 -5.12 -13.60 17.27
C TYR A 235 -4.00 -13.36 18.30
N GLY A 236 -3.89 -12.15 18.86
CA GLY A 236 -2.97 -11.87 19.96
C GLY A 236 -1.51 -11.93 19.48
N ILE A 237 -1.30 -11.68 18.19
CA ILE A 237 0.06 -11.80 17.61
C ILE A 237 0.56 -10.48 17.01
N ALA A 238 -0.07 -9.37 17.38
CA ALA A 238 0.50 -8.04 17.04
C ALA A 238 1.90 -7.88 17.58
N ILE A 239 2.73 -7.13 16.83
CA ILE A 239 4.03 -6.80 17.33
C ILE A 239 3.93 -5.57 18.19
N ASN A 240 4.47 -5.67 19.40
CA ASN A 240 4.55 -4.58 20.34
C ASN A 240 4.96 -3.27 19.64
N PRO A 241 4.18 -2.19 19.83
CA PRO A 241 4.55 -0.92 19.20
C PRO A 241 5.87 -0.36 19.73
N ASN A 242 6.47 -0.91 20.81
CA ASN A 242 7.82 -0.46 21.11
C ASN A 242 8.89 -1.02 20.15
N ARG A 243 8.49 -1.84 19.17
CA ARG A 243 9.42 -2.33 18.17
C ARG A 243 9.27 -1.38 16.96
N VAL A 244 10.17 -0.43 16.84
CA VAL A 244 10.12 0.51 15.72
C VAL A 244 11.41 0.47 14.91
N PHE A 245 11.30 0.79 13.63
CA PHE A 245 12.43 0.86 12.76
C PHE A 245 13.07 2.24 12.93
N LYS A 246 14.08 2.35 13.75
CA LYS A 246 14.65 3.60 14.17
C LYS A 246 15.49 4.25 13.06
N VAL A 247 15.44 5.58 12.99
CA VAL A 247 16.24 6.24 11.95
C VAL A 247 17.28 7.21 12.48
N ASN A 248 18.34 7.37 11.71
CA ASN A 248 19.29 8.47 11.92
C ASN A 248 18.70 9.81 11.47
N THR A 249 18.93 10.87 12.25
CA THR A 249 18.25 12.14 12.02
C THR A 249 19.22 13.32 12.11
N ASN A 250 20.51 13.05 12.37
CA ASN A 250 21.55 14.04 12.61
CA ASN A 250 21.47 14.12 12.61
C ASN A 250 21.99 14.82 11.35
N ALA A 251 22.11 14.13 10.21
CA ALA A 251 22.67 14.76 9.04
C ALA A 251 21.62 15.66 8.31
N TYR A 252 22.13 16.65 7.58
CA TYR A 252 21.28 17.64 6.90
C TYR A 252 20.25 16.98 5.97
N TYR A 253 20.60 15.86 5.36
CA TYR A 253 19.73 15.23 4.37
C TYR A 253 18.75 14.24 4.93
N GLU A 254 18.80 14.02 6.24
CA GLU A 254 17.97 13.02 6.91
C GLU A 254 16.69 13.62 7.45
N MET A 255 15.62 12.85 7.41
CA MET A 255 14.40 13.21 8.12
C MET A 255 14.73 13.64 9.57
N SER A 256 13.96 14.57 10.13
CA SER A 256 14.11 14.96 11.55
C SER A 256 13.61 13.85 12.39
N GLY A 257 12.73 13.03 11.83
CA GLY A 257 12.13 11.97 12.61
C GLY A 257 11.19 11.21 11.74
N LEU A 258 10.91 9.98 12.16
CA LEU A 258 10.02 9.09 11.43
C LEU A 258 9.64 7.96 12.39
N GLU A 259 8.35 7.66 12.50
CA GLU A 259 7.91 6.62 13.40
C GLU A 259 7.27 5.48 12.59
N VAL A 260 7.98 4.36 12.36
CA VAL A 260 7.30 3.27 11.64
C VAL A 260 7.49 1.97 12.39
N SER A 261 6.39 1.36 12.79
CA SER A 261 6.46 0.20 13.67
C SER A 261 6.75 -1.04 12.89
N PHE A 262 7.36 -2.01 13.58
CA PHE A 262 7.50 -3.30 12.97
C PHE A 262 6.14 -3.89 12.54
N GLU A 263 5.12 -3.64 13.36
CA GLU A 263 3.80 -4.17 13.11
C GLU A 263 3.32 -3.57 11.73
N GLU A 264 3.64 -2.32 11.50
CA GLU A 264 3.26 -1.66 10.23
C GLU A 264 4.00 -2.27 9.06
N LEU A 265 5.32 -2.48 9.19
CA LEU A 265 6.11 -3.07 8.10
C LEU A 265 5.58 -4.43 7.73
N ARG A 266 5.29 -5.24 8.75
CA ARG A 266 4.70 -6.54 8.52
C ARG A 266 3.39 -6.46 7.71
N THR A 267 2.54 -5.52 8.11
CA THR A 267 1.19 -5.44 7.62
C THR A 267 1.29 -4.98 6.15
N PHE A 268 2.23 -4.10 5.85
CA PHE A 268 2.40 -3.68 4.44
C PHE A 268 2.79 -4.82 3.49
N GLY A 269 3.70 -5.69 3.96
CA GLY A 269 4.20 -6.81 3.16
C GLY A 269 5.15 -6.28 2.09
N GLY A 270 5.30 -6.99 0.99
CA GLY A 270 6.18 -6.56 -0.10
C GLY A 270 7.61 -6.35 0.38
N HIS A 271 8.29 -5.37 -0.18
CA HIS A 271 9.66 -5.05 0.22
C HIS A 271 9.78 -4.52 1.65
N ASP A 272 8.77 -3.75 2.07
CA ASP A 272 8.78 -3.13 3.38
C ASP A 272 8.98 -4.16 4.51
N ALA A 273 8.25 -5.26 4.42
CA ALA A 273 8.34 -6.29 5.48
C ALA A 273 9.74 -6.92 5.46
N LYS A 274 10.41 -6.86 4.31
CA LYS A 274 11.76 -7.42 4.27
C LYS A 274 12.76 -6.51 4.92
N PHE A 275 12.36 -5.35 5.46
CA PHE A 275 13.32 -4.52 6.23
C PHE A 275 13.74 -5.22 7.52
N ILE A 276 12.89 -6.14 7.98
CA ILE A 276 13.14 -6.94 9.21
C ILE A 276 13.92 -8.22 8.98
N ASP A 277 15.11 -8.31 9.61
CA ASP A 277 16.07 -9.37 9.35
C ASP A 277 15.54 -10.74 9.87
N SER A 278 16.19 -11.84 9.46
CA SER A 278 15.72 -13.17 9.86
C SER A 278 15.85 -13.39 11.35
N LEU A 279 16.87 -12.80 11.97
CA LEU A 279 17.11 -13.14 13.38
C LEU A 279 15.88 -12.63 14.17
N GLN A 280 15.38 -11.43 13.82
CA GLN A 280 14.21 -10.87 14.52
C GLN A 280 12.92 -11.58 14.13
N GLU A 281 12.80 -11.89 12.84
CA GLU A 281 11.66 -12.62 12.34
C GLU A 281 11.45 -13.95 13.10
N ASN A 282 12.53 -14.72 13.17
CA ASN A 282 12.44 -16.04 13.78
C ASN A 282 12.15 -15.87 15.29
N GLU A 283 12.64 -14.81 15.92
CA GLU A 283 12.40 -14.63 17.38
C GLU A 283 10.92 -14.45 17.63
N PHE A 284 10.29 -13.58 16.80
CA PHE A 284 8.85 -13.38 16.86
C PHE A 284 8.08 -14.65 16.71
N ARG A 285 8.46 -15.44 15.71
CA ARG A 285 7.63 -16.59 15.37
C ARG A 285 7.67 -17.62 16.50
N LEU A 286 8.88 -17.88 16.98
CA LEU A 286 9.06 -18.76 18.15
C LEU A 286 8.31 -18.26 19.38
N TYR A 287 8.32 -16.95 19.61
CA TYR A 287 7.60 -16.35 20.73
C TYR A 287 6.07 -16.57 20.61
N TYR A 288 5.46 -16.29 19.46
CA TYR A 288 4.03 -16.48 19.32
C TYR A 288 3.68 -17.94 19.38
N TYR A 289 4.52 -18.78 18.80
CA TYR A 289 4.31 -20.21 18.92
C TYR A 289 4.13 -20.64 20.40
N ASN A 290 5.02 -20.17 21.27
CA ASN A 290 4.96 -20.55 22.67
C ASN A 290 3.69 -20.02 23.29
N LYS A 291 3.26 -18.81 22.88
CA LYS A 291 2.04 -18.27 23.45
C LYS A 291 0.83 -19.09 23.03
N PHE A 292 0.83 -19.57 21.78
CA PHE A 292 -0.24 -20.51 21.35
C PHE A 292 -0.18 -21.81 22.14
N LYS A 293 1.03 -22.32 22.39
CA LYS A 293 1.13 -23.52 23.24
C LYS A 293 0.46 -23.27 24.60
N ASP A 294 0.61 -22.07 25.14
CA ASP A 294 0.04 -21.80 26.46
C ASP A 294 -1.49 -21.85 26.41
N ILE A 295 -2.06 -21.40 25.31
CA ILE A 295 -3.50 -21.47 25.13
C ILE A 295 -3.96 -22.90 25.13
N ALA A 296 -3.28 -23.73 24.34
CA ALA A 296 -3.60 -25.16 24.31
C ALA A 296 -3.56 -25.73 25.75
N SER A 297 -2.51 -25.37 26.47
CA SER A 297 -2.36 -25.83 27.87
C SER A 297 -3.49 -25.36 28.78
N THR A 298 -3.83 -24.10 28.64
CA THR A 298 -4.90 -23.55 29.42
C THR A 298 -6.22 -24.27 29.10
N LEU A 299 -6.47 -24.62 27.83
CA LEU A 299 -7.67 -25.43 27.51
C LEU A 299 -7.61 -26.83 28.14
N ASN A 300 -6.43 -27.45 28.14
CA ASN A 300 -6.29 -28.74 28.80
C ASN A 300 -6.53 -28.69 30.30
N LYS A 301 -6.22 -27.56 30.94
CA LYS A 301 -6.42 -27.39 32.38
C LYS A 301 -7.85 -26.94 32.72
N ALA A 302 -8.62 -26.54 31.70
CA ALA A 302 -9.97 -25.98 31.98
C ALA A 302 -10.93 -27.08 32.30
N LYS A 303 -11.63 -26.94 33.42
CA LYS A 303 -12.56 -27.96 33.83
C LYS A 303 -13.96 -27.40 33.94
N SER A 304 -14.10 -26.09 33.86
CA SER A 304 -15.40 -25.45 34.01
C SER A 304 -15.50 -24.15 33.19
N ILE A 305 -16.73 -23.69 32.93
CA ILE A 305 -16.96 -22.44 32.18
C ILE A 305 -18.03 -21.66 32.93
N VAL A 306 -17.89 -20.34 33.07
CA VAL A 306 -18.93 -19.54 33.78
C VAL A 306 -19.53 -18.45 32.91
N GLY A 307 -20.71 -17.96 33.29
CA GLY A 307 -21.30 -16.78 32.67
C GLY A 307 -21.96 -17.02 31.30
N THR A 308 -22.22 -18.28 30.99
CA THR A 308 -22.90 -18.67 29.77
C THR A 308 -23.55 -20.05 29.92
N THR A 309 -24.52 -20.33 29.05
CA THR A 309 -25.15 -21.65 28.95
C THR A 309 -24.41 -22.52 27.93
N ALA A 310 -23.58 -21.89 27.11
CA ALA A 310 -22.72 -22.65 26.21
C ALA A 310 -21.89 -23.62 27.06
N SER A 311 -21.66 -24.82 26.54
CA SER A 311 -20.89 -25.84 27.26
C SER A 311 -19.38 -25.65 27.13
N LEU A 312 -18.66 -26.33 28.00
CA LEU A 312 -17.21 -26.32 28.04
C LEU A 312 -16.66 -26.94 26.75
N GLN A 313 -17.28 -28.04 26.30
CA GLN A 313 -16.90 -28.68 25.05
C GLN A 313 -17.03 -27.66 23.90
N TYR A 314 -18.13 -26.91 23.90
CA TYR A 314 -18.36 -25.96 22.80
C TYR A 314 -17.28 -24.92 22.81
N MET A 315 -16.95 -24.37 23.97
CA MET A 315 -15.99 -23.26 24.01
C MET A 315 -14.57 -23.74 23.72
N LYS A 316 -14.21 -24.93 24.22
CA LYS A 316 -12.90 -25.46 23.89
C LYS A 316 -12.81 -25.61 22.38
N ASN A 317 -13.90 -26.01 21.78
CA ASN A 317 -13.86 -26.27 20.36
C ASN A 317 -13.71 -24.98 19.55
N VAL A 318 -14.31 -23.90 20.04
CA VAL A 318 -14.17 -22.59 19.35
C VAL A 318 -12.69 -22.20 19.26
N PHE A 319 -11.97 -22.41 20.37
CA PHE A 319 -10.59 -22.05 20.38
C PHE A 319 -9.72 -23.07 19.67
N LYS A 320 -10.07 -24.37 19.70
CA LYS A 320 -9.40 -25.32 18.82
C LYS A 320 -9.43 -24.79 17.36
N GLU A 321 -10.59 -24.34 16.93
N GLU A 321 -10.60 -24.33 16.95
CA GLU A 321 -10.68 -23.92 15.55
CA GLU A 321 -10.79 -23.88 15.56
C GLU A 321 -9.94 -22.60 15.35
C GLU A 321 -10.12 -22.54 15.30
N LYS A 322 -10.09 -21.67 16.30
CA LYS A 322 -9.43 -20.38 16.12
C LYS A 322 -7.91 -20.54 15.91
N TYR A 323 -7.27 -21.29 16.82
CA TYR A 323 -5.82 -21.42 16.82
C TYR A 323 -5.35 -22.64 16.02
N LEU A 324 -6.30 -23.32 15.40
CA LEU A 324 -6.02 -24.52 14.61
C LEU A 324 -5.21 -25.53 15.44
N LEU A 325 -5.69 -25.80 16.66
CA LEU A 325 -5.01 -26.74 17.50
C LEU A 325 -5.30 -28.17 17.08
N SER A 326 -4.42 -29.09 17.47
CA SER A 326 -4.70 -30.49 17.24
C SER A 326 -5.30 -31.01 18.52
N GLU A 327 -6.15 -32.00 18.38
CA GLU A 327 -6.77 -32.60 19.54
C GLU A 327 -6.74 -34.10 19.34
N ASP A 328 -6.13 -34.81 20.29
CA ASP A 328 -6.01 -36.26 20.19
C ASP A 328 -7.31 -36.96 20.68
N THR A 329 -7.37 -38.28 20.60
CA THR A 329 -8.66 -38.94 20.82
C THR A 329 -9.09 -38.87 22.29
N SER A 330 -8.19 -38.41 23.15
CA SER A 330 -8.51 -38.29 24.56
C SER A 330 -8.94 -36.88 24.97
N GLY A 331 -9.01 -35.98 24.00
CA GLY A 331 -9.45 -34.62 24.26
C GLY A 331 -8.30 -33.66 24.59
N LYS A 332 -7.06 -34.10 24.41
CA LYS A 332 -5.92 -33.25 24.78
C LYS A 332 -5.48 -32.42 23.58
N PHE A 333 -5.46 -31.09 23.77
CA PHE A 333 -5.02 -30.13 22.77
C PHE A 333 -3.52 -29.95 22.72
N SER A 334 -2.99 -29.71 21.52
CA SER A 334 -1.59 -29.38 21.32
C SER A 334 -1.47 -28.48 20.12
N VAL A 335 -0.31 -27.82 20.00
CA VAL A 335 0.01 -27.01 18.82
C VAL A 335 0.89 -27.86 17.93
N ASP A 336 0.43 -28.11 16.73
CA ASP A 336 1.30 -28.74 15.73
C ASP A 336 2.25 -27.67 15.10
N LYS A 337 3.56 -27.91 15.11
CA LYS A 337 4.50 -26.91 14.58
C LYS A 337 4.17 -26.53 13.15
N LEU A 338 3.85 -27.50 12.31
CA LEU A 338 3.56 -27.25 10.90
C LEU A 338 2.22 -26.51 10.70
N LYS A 339 1.20 -26.82 11.50
CA LYS A 339 -0.06 -26.10 11.42
C LYS A 339 0.10 -24.70 11.95
N PHE A 340 0.95 -24.56 12.98
CA PHE A 340 1.21 -23.22 13.48
C PHE A 340 1.95 -22.39 12.44
N ASP A 341 3.01 -22.95 11.86
CA ASP A 341 3.76 -22.16 10.88
C ASP A 341 2.86 -21.71 9.72
N LYS A 342 1.95 -22.57 9.26
CA LYS A 342 0.99 -22.19 8.23
C LYS A 342 0.05 -21.06 8.68
N LEU A 343 -0.50 -21.19 9.88
CA LEU A 343 -1.44 -20.19 10.35
C LEU A 343 -0.74 -18.86 10.53
N TYR A 344 0.48 -18.91 11.08
CA TYR A 344 1.19 -17.69 11.36
C TYR A 344 1.62 -17.00 10.05
N LYS A 345 2.14 -17.80 9.13
CA LYS A 345 2.45 -17.33 7.78
C LYS A 345 1.20 -16.72 7.10
N MET A 346 0.03 -17.34 7.21
CA MET A 346 -1.16 -16.72 6.57
C MET A 346 -1.52 -15.36 7.17
N LEU A 347 -1.56 -15.30 8.50
CA LEU A 347 -1.89 -14.06 9.18
C LEU A 347 -0.86 -12.94 8.97
N THR A 348 0.41 -13.29 8.77
CA THR A 348 1.44 -12.26 8.75
C THR A 348 2.02 -11.97 7.35
N GLU A 349 2.00 -12.97 6.47
CA GLU A 349 2.61 -12.83 5.16
C GLU A 349 1.63 -12.94 4.02
N ILE A 350 0.54 -13.69 4.21
CA ILE A 350 -0.44 -13.75 3.13
C ILE A 350 -1.37 -12.52 3.22
N TYR A 351 -1.87 -12.23 4.42
CA TYR A 351 -2.73 -11.06 4.72
C TYR A 351 -1.85 -9.81 4.82
N THR A 352 -1.57 -9.18 3.67
CA THR A 352 -0.72 -8.00 3.64
C THR A 352 -1.33 -6.98 2.67
N GLU A 353 -1.08 -5.71 2.89
CA GLU A 353 -1.54 -4.67 1.97
C GLU A 353 -1.09 -4.99 0.54
N ASP A 354 0.16 -5.40 0.41
CA ASP A 354 0.77 -5.63 -0.91
C ASP A 354 -0.02 -6.73 -1.65
N ASN A 355 -0.44 -7.74 -0.92
CA ASN A 355 -1.23 -8.80 -1.56
C ASN A 355 -2.67 -8.34 -1.86
N PHE A 356 -3.29 -7.56 -1.00
CA PHE A 356 -4.56 -6.92 -1.34
C PHE A 356 -4.52 -6.07 -2.62
N VAL A 357 -3.47 -5.30 -2.81
CA VAL A 357 -3.30 -4.48 -4.01
C VAL A 357 -3.29 -5.37 -5.24
N LYS A 358 -2.61 -6.51 -5.14
CA LYS A 358 -2.61 -7.46 -6.24
C LYS A 358 -4.00 -8.00 -6.57
N PHE A 359 -4.81 -8.27 -5.55
CA PHE A 359 -6.15 -8.74 -5.85
C PHE A 359 -7.09 -7.64 -6.34
N PHE A 360 -6.91 -6.42 -5.88
CA PHE A 360 -7.78 -5.34 -6.35
C PHE A 360 -7.32 -4.82 -7.71
N LYS A 361 -6.09 -5.12 -8.12
CA LYS A 361 -5.56 -4.57 -9.37
C LYS A 361 -5.71 -3.06 -9.41
N VAL A 362 -5.35 -2.40 -8.33
CA VAL A 362 -5.42 -0.97 -8.26
C VAL A 362 -3.99 -0.43 -8.19
N LEU A 363 -3.83 0.86 -8.48
CA LEU A 363 -2.58 1.56 -8.22
C LEU A 363 -2.49 1.85 -6.71
N ASN A 364 -1.32 1.62 -6.10
CA ASN A 364 -1.14 1.92 -4.69
C ASN A 364 0.33 2.31 -4.44
N ALA A 365 0.64 3.05 -3.37
CA ALA A 365 2.04 3.29 -2.99
C ALA A 365 2.78 1.95 -2.88
N LYS A 366 4.03 1.87 -3.28
CA LYS A 366 4.63 0.55 -3.19
C LYS A 366 5.36 0.36 -1.85
N THR A 367 5.42 1.41 -1.06
CA THR A 367 6.22 1.38 0.16
C THR A 367 5.67 2.44 1.07
N PHE A 368 5.79 2.26 2.37
CA PHE A 368 5.38 3.30 3.31
C PHE A 368 6.19 4.56 3.10
N LEU A 369 7.37 4.45 2.47
CA LEU A 369 8.23 5.62 2.26
C LEU A 369 7.69 6.51 1.12
N ASN A 370 6.73 5.99 0.38
CA ASN A 370 6.02 6.79 -0.62
C ASN A 370 4.90 7.50 0.11
N PHE A 371 5.27 8.50 0.92
CA PHE A 371 4.33 9.14 1.82
C PHE A 371 3.20 9.85 1.10
N ASP A 372 2.00 9.68 1.64
CA ASP A 372 0.82 10.45 1.19
C ASP A 372 1.12 11.94 1.03
N LYS A 373 0.53 12.55 0.03
CA LYS A 373 0.83 13.95 -0.23
C LYS A 373 -0.40 14.86 -0.13
N ALA A 374 -1.60 14.29 -0.07
CA ALA A 374 -2.81 15.10 -0.11
C ALA A 374 -3.99 14.31 0.42
N VAL A 375 -5.04 15.04 0.72
CA VAL A 375 -6.30 14.52 1.22
C VAL A 375 -7.40 14.85 0.16
N PHE A 376 -8.25 13.90 -0.14
CA PHE A 376 -9.42 14.10 -1.00
C PHE A 376 -10.74 13.67 -0.33
N LYS A 377 -11.76 14.50 -0.51
CA LYS A 377 -13.15 14.15 -0.24
C LYS A 377 -13.56 13.23 -1.35
N ILE A 378 -14.23 12.15 -1.00
CA ILE A 378 -14.73 11.23 -2.02
C ILE A 378 -16.14 10.80 -1.69
N ASN A 379 -16.76 10.08 -2.61
CA ASN A 379 -18.07 9.45 -2.31
C ASN A 379 -18.23 8.18 -3.11
N ILE A 380 -18.10 7.05 -2.46
CA ILE A 380 -18.05 5.78 -3.18
C ILE A 380 -19.39 5.07 -3.20
N VAL A 381 -20.39 5.66 -2.55
CA VAL A 381 -21.67 4.98 -2.49
C VAL A 381 -22.39 4.92 -3.83
N PRO A 382 -22.43 6.04 -4.58
CA PRO A 382 -23.15 5.93 -5.87
C PRO A 382 -22.44 4.91 -6.82
N LYS A 383 -23.20 4.05 -7.50
CA LYS A 383 -22.60 3.08 -8.41
C LYS A 383 -21.88 3.77 -9.58
N VAL A 384 -22.28 5.02 -9.88
CA VAL A 384 -21.69 5.73 -11.03
C VAL A 384 -20.25 6.17 -10.69
N ASN A 385 -19.91 6.12 -9.40
CA ASN A 385 -18.62 6.57 -8.90
C ASN A 385 -17.65 5.43 -8.60
N TYR A 386 -18.20 4.28 -8.21
CA TYR A 386 -17.39 3.25 -7.54
C TYR A 386 -18.19 1.96 -7.44
N THR A 387 -17.60 0.83 -7.83
CA THR A 387 -18.30 -0.44 -7.76
C THR A 387 -17.55 -1.45 -6.89
N ILE A 388 -18.32 -2.41 -6.40
CA ILE A 388 -17.73 -3.42 -5.52
C ILE A 388 -16.63 -4.21 -6.29
N TYR A 389 -16.84 -4.51 -7.57
CA TYR A 389 -15.81 -5.25 -8.31
C TYR A 389 -14.68 -4.38 -8.89
N ASP A 390 -14.96 -3.14 -9.25
CA ASP A 390 -13.92 -2.38 -9.96
C ASP A 390 -13.40 -1.15 -9.23
N GLY A 391 -13.96 -0.86 -8.06
CA GLY A 391 -13.60 0.35 -7.30
C GLY A 391 -13.83 1.58 -8.23
N PHE A 392 -12.84 2.47 -8.36
CA PHE A 392 -13.02 3.65 -9.24
C PHE A 392 -12.82 3.37 -10.73
N ASN A 393 -12.22 2.23 -11.05
CA ASN A 393 -11.71 1.99 -12.41
C ASN A 393 -12.76 1.26 -13.19
N LEU A 394 -13.86 1.95 -13.48
CA LEU A 394 -15.07 1.25 -13.92
C LEU A 394 -14.89 0.56 -15.28
N ARG A 395 -15.29 -0.71 -15.36
CA ARG A 395 -15.10 -1.49 -16.54
C ARG A 395 -15.87 -0.86 -17.72
N ASN A 396 -15.29 -0.97 -18.90
CA ASN A 396 -15.95 -0.54 -20.14
C ASN A 396 -16.19 0.95 -20.19
N THR A 397 -15.30 1.68 -19.56
CA THR A 397 -15.32 3.12 -19.60
C THR A 397 -13.88 3.55 -19.80
N ASN A 398 -13.68 4.85 -20.04
CA ASN A 398 -12.37 5.47 -20.10
C ASN A 398 -11.60 5.35 -18.78
N LEU A 399 -12.27 5.00 -17.69
CA LEU A 399 -11.58 4.86 -16.39
C LEU A 399 -11.04 3.44 -16.16
N ALA A 400 -11.41 2.52 -17.04
CA ALA A 400 -11.01 1.13 -16.87
C ALA A 400 -9.49 0.94 -16.99
N ALA A 401 -8.84 1.62 -17.96
CA ALA A 401 -7.42 1.44 -18.18
C ALA A 401 -6.54 2.44 -17.44
N ASN A 402 -5.27 2.06 -17.29
CA ASN A 402 -4.24 2.94 -16.73
C ASN A 402 -4.55 3.51 -15.30
N PHE A 403 -5.40 2.81 -14.54
CA PHE A 403 -5.86 3.32 -13.20
C PHE A 403 -6.45 4.72 -13.35
N ASN A 404 -7.02 5.02 -14.53
CA ASN A 404 -7.60 6.34 -14.76
C ASN A 404 -8.64 6.75 -13.71
N GLY A 405 -9.49 5.81 -13.30
CA GLY A 405 -10.46 6.04 -12.24
C GLY A 405 -9.84 6.58 -10.94
N GLN A 406 -8.61 6.14 -10.62
CA GLN A 406 -7.89 6.66 -9.47
C GLN A 406 -7.14 7.93 -9.75
N ASN A 407 -7.09 8.39 -11.01
CA ASN A 407 -6.32 9.59 -11.27
C ASN A 407 -7.20 10.79 -10.91
N THR A 408 -6.73 11.62 -9.97
CA THR A 408 -7.59 12.66 -9.41
C THR A 408 -7.80 13.81 -10.40
N GLU A 409 -6.90 13.95 -11.36
CA GLU A 409 -7.09 14.97 -12.43
C GLU A 409 -8.04 14.46 -13.50
N ILE A 410 -7.89 13.22 -13.94
CA ILE A 410 -8.78 12.69 -14.99
C ILE A 410 -10.20 12.46 -14.44
N ASN A 411 -10.29 11.82 -13.27
CA ASN A 411 -11.58 11.56 -12.65
C ASN A 411 -11.92 12.62 -11.61
N ASN A 412 -11.81 13.90 -11.97
CA ASN A 412 -11.87 14.97 -10.97
C ASN A 412 -13.21 15.17 -10.31
N MET A 413 -14.30 14.77 -10.96
CA MET A 413 -15.60 14.80 -10.30
C MET A 413 -15.66 13.84 -9.07
N ASN A 414 -14.71 12.93 -8.95
CA ASN A 414 -14.78 11.99 -7.83
C ASN A 414 -13.88 12.35 -6.67
N PHE A 415 -13.09 13.40 -6.84
CA PHE A 415 -12.03 13.76 -5.89
C PHE A 415 -12.00 15.27 -5.69
N THR A 416 -12.31 15.73 -4.50
CA THR A 416 -12.17 17.14 -4.16
C THR A 416 -11.00 17.30 -3.23
N LYS A 417 -10.01 18.07 -3.65
CA LYS A 417 -8.78 18.16 -2.88
C LYS A 417 -9.01 19.06 -1.70
N LEU A 418 -8.65 18.57 -0.51
CA LEU A 418 -8.93 19.33 0.71
C LEU A 418 -7.68 20.01 1.22
N LYS A 419 -7.83 20.98 2.09
CA LYS A 419 -6.70 21.50 2.83
C LYS A 419 -6.03 20.42 3.66
N ASN A 420 -4.73 20.24 3.44
CA ASN A 420 -3.92 19.48 4.38
C ASN A 420 -3.64 20.30 5.63
N PHE A 421 -4.02 19.84 6.84
CA PHE A 421 -3.80 20.67 8.02
C PHE A 421 -2.36 20.60 8.50
N THR A 422 -1.57 19.67 7.97
CA THR A 422 -0.13 19.74 8.16
C THR A 422 0.39 20.79 7.16
N GLY A 423 0.93 21.92 7.64
CA GLY A 423 1.42 22.94 6.72
C GLY A 423 2.66 22.45 5.96
N LEU A 424 2.91 22.98 4.77
CA LEU A 424 4.04 22.51 3.91
C LEU A 424 5.38 22.53 4.65
N PHE A 425 5.67 23.62 5.37
CA PHE A 425 6.86 23.61 6.22
C PHE A 425 6.48 23.71 7.69
N GLU A 426 5.44 23.00 8.08
CA GLU A 426 5.20 22.83 9.53
C GLU A 426 6.39 22.10 10.17
N PHE A 427 6.80 21.00 9.56
CA PHE A 427 7.94 20.23 10.00
C PHE A 427 9.02 20.22 8.94
N TYR A 428 10.19 20.75 9.26
CA TYR A 428 11.17 20.95 8.19
C TYR A 428 12.58 21.05 8.72
N LYS A 429 13.56 20.91 7.83
CA LYS A 429 14.92 21.36 8.17
C LYS A 429 15.22 22.61 7.33
N LEU A 430 16.08 23.48 7.85
CA LEU A 430 16.53 24.65 7.11
C LEU A 430 17.90 24.39 6.54
N LEU A 431 18.00 24.24 5.22
CA LEU A 431 19.29 23.95 4.61
C LEU A 431 19.91 25.18 3.91
N CYS A 432 21.05 25.65 4.40
CA CYS A 432 21.63 26.87 3.86
C CYS A 432 23.02 26.67 3.24
N VAL A 433 23.16 27.09 1.99
CA VAL A 433 24.47 27.09 1.34
C VAL A 433 25.20 28.28 1.87
N ARG A 434 26.37 28.07 2.45
CA ARG A 434 27.10 29.21 2.99
C ARG A 434 27.34 30.24 1.91
N GLY A 435 27.06 31.49 2.24
CA GLY A 435 27.14 32.56 1.26
C GLY A 435 28.45 32.60 0.48
N ILE A 436 29.56 32.34 1.17
CA ILE A 436 30.87 32.45 0.57
C ILE A 436 31.06 31.44 -0.57
N ILE A 437 30.34 30.33 -0.49
CA ILE A 437 30.34 29.28 -1.51
C ILE A 437 29.80 29.80 -2.82
N THR A 438 28.81 30.68 -2.72
CA THR A 438 28.20 31.35 -3.88
C THR A 438 28.98 32.60 -4.36
N SER A 439 29.83 33.15 -3.50
CA SER A 439 30.48 34.43 -3.76
C SER A 439 31.99 34.29 -3.81
N ALA A 451 30.26 35.71 2.27
CA ALA A 451 30.23 37.17 2.03
C ALA A 451 28.88 37.64 1.49
N LEU A 452 28.40 37.06 0.39
CA LEU A 452 26.98 37.22 0.06
C LEU A 452 26.18 36.45 1.08
N ASN A 453 24.87 36.75 1.19
CA ASN A 453 24.02 36.06 2.18
C ASN A 453 23.96 34.57 1.93
N ASP A 454 23.80 33.76 2.99
CA ASP A 454 23.45 32.35 2.83
C ASP A 454 22.21 32.17 1.92
N LEU A 455 22.17 31.08 1.16
CA LEU A 455 21.00 30.66 0.42
C LEU A 455 20.28 29.57 1.21
N CYS A 456 19.32 29.95 2.04
CA CYS A 456 18.67 28.98 2.91
C CYS A 456 17.26 28.63 2.44
N ILE A 457 16.95 27.34 2.42
CA ILE A 457 15.62 26.91 2.05
C ILE A 457 15.09 25.96 3.12
N LYS A 458 13.77 25.95 3.24
CA LYS A 458 13.10 25.02 4.08
C LYS A 458 12.79 23.78 3.29
N VAL A 459 13.00 22.63 3.92
CA VAL A 459 12.71 21.37 3.26
C VAL A 459 11.78 20.57 4.16
N ASN A 460 10.64 20.21 3.60
CA ASN A 460 9.62 19.43 4.29
C ASN A 460 10.20 18.10 4.78
N ASN A 461 9.90 17.76 6.03
CA ASN A 461 10.41 16.51 6.62
C ASN A 461 10.31 15.29 5.76
N TRP A 462 9.17 15.12 5.11
CA TRP A 462 8.93 13.93 4.32
C TRP A 462 9.51 14.02 2.89
N ASP A 463 10.24 15.12 2.62
CA ASP A 463 11.05 15.21 1.40
C ASP A 463 12.50 14.77 1.65
N LEU A 464 12.85 14.57 2.92
CA LEU A 464 14.22 14.19 3.28
C LEU A 464 14.45 12.67 3.19
N PHE A 465 15.69 12.21 3.38
CA PHE A 465 16.05 10.79 3.26
C PHE A 465 15.83 9.96 4.54
N PHE A 466 15.31 8.77 4.29
CA PHE A 466 15.19 7.70 5.26
C PHE A 466 16.57 7.07 5.50
N SER A 467 17.12 7.18 6.71
CA SER A 467 18.45 6.62 6.92
C SER A 467 18.35 5.67 8.12
N PRO A 468 18.20 4.34 7.87
CA PRO A 468 17.89 3.54 9.07
C PRO A 468 19.11 3.31 9.91
N SER A 469 18.86 3.39 11.19
CA SER A 469 19.82 3.11 12.21
C SER A 469 20.41 1.70 12.07
N GLU A 470 21.70 1.61 12.24
CA GLU A 470 22.38 0.34 12.26
C GLU A 470 21.82 -0.64 13.32
N ASP A 471 21.28 -0.13 14.42
CA ASP A 471 20.70 -1.01 15.45
C ASP A 471 19.59 -1.90 14.88
N ASN A 472 19.00 -1.52 13.75
CA ASN A 472 17.88 -2.30 13.24
C ASN A 472 18.26 -3.64 12.65
N PHE A 473 19.52 -3.83 12.35
CA PHE A 473 19.96 -4.96 11.52
C PHE A 473 20.80 -5.80 12.44
N THR A 474 20.33 -7.00 12.74
CA THR A 474 21.01 -7.85 13.69
C THR A 474 21.23 -9.15 12.97
N ASN A 475 22.18 -9.90 13.45
CA ASN A 475 22.40 -11.19 12.89
C ASN A 475 23.22 -12.02 13.86
N ASP A 476 23.21 -13.33 13.69
CA ASP A 476 24.12 -14.08 14.47
C ASP A 476 25.09 -14.80 13.58
N LEU A 477 25.58 -14.10 12.56
CA LEU A 477 26.47 -14.74 11.61
C LEU A 477 27.78 -15.26 12.21
N ASN A 478 28.35 -14.53 13.18
CA ASN A 478 29.65 -14.88 13.81
C ASN A 478 29.52 -15.98 14.83
N LYS A 479 28.31 -16.47 15.03
CA LYS A 479 28.01 -17.45 16.05
C LYS A 479 28.38 -18.84 15.52
N GLY A 480 29.24 -19.55 16.25
CA GLY A 480 29.56 -20.91 15.91
C GLY A 480 28.35 -21.81 15.92
N GLU A 481 28.53 -23.04 15.45
CA GLU A 481 27.39 -23.94 15.34
C GLU A 481 27.81 -25.39 15.50
N GLU A 482 27.05 -26.15 16.27
CA GLU A 482 27.36 -27.56 16.44
C GLU A 482 26.58 -28.39 15.43
N ILE A 483 27.29 -29.23 14.69
CA ILE A 483 26.69 -30.08 13.67
C ILE A 483 26.60 -31.49 14.16
N THR A 484 25.41 -32.04 14.07
CA THR A 484 25.19 -33.39 14.56
C THR A 484 24.66 -34.23 13.40
N SER A 485 24.59 -35.54 13.62
CA SER A 485 23.94 -36.45 12.69
C SER A 485 22.48 -36.10 12.42
N ASP A 486 21.86 -35.31 13.27
CA ASP A 486 20.47 -34.99 13.04
C ASP A 486 20.42 -33.93 12.00
N THR A 487 19.67 -34.15 10.93
CA THR A 487 19.89 -33.36 9.74
C THR A 487 19.69 -31.89 10.06
N ASN A 488 18.63 -31.58 10.79
CA ASN A 488 18.42 -30.22 11.26
C ASN A 488 18.47 -29.30 10.05
N ILE A 489 17.93 -29.79 8.95
CA ILE A 489 18.05 -29.09 7.68
C ILE A 489 16.72 -28.49 7.29
N GLU A 490 16.74 -27.18 7.02
CA GLU A 490 15.52 -26.47 6.66
C GLU A 490 15.01 -26.87 5.28
N ALA A 491 13.71 -26.63 5.10
CA ALA A 491 13.02 -26.56 3.81
C ALA A 491 13.17 -25.18 3.17
N ALA A 492 12.81 -25.08 1.88
CA ALA A 492 12.99 -23.85 1.10
C ALA A 492 12.22 -22.60 1.56
N GLU A 493 10.95 -22.76 1.94
CA GLU A 493 10.14 -21.62 2.41
C GLU A 493 10.02 -20.44 1.42
N GLU A 494 9.66 -20.75 0.19
CA GLU A 494 9.59 -19.79 -0.92
C GLU A 494 8.49 -18.73 -0.78
N ASN A 495 8.67 -17.61 -1.48
CA ASN A 495 7.83 -16.42 -1.36
C ASN A 495 6.37 -16.59 -1.76
N ILE A 496 5.50 -15.82 -1.09
CA ILE A 496 4.07 -15.99 -1.15
C ILE A 496 3.61 -15.77 -2.60
N SER A 497 3.32 -16.84 -3.31
CA SER A 497 2.87 -16.75 -4.69
C SER A 497 1.35 -16.74 -4.74
N LEU A 498 0.80 -16.35 -5.90
CA LEU A 498 -0.64 -16.39 -6.10
C LEU A 498 -1.13 -17.83 -6.04
N ASP A 499 -0.35 -18.79 -6.57
CA ASP A 499 -0.71 -20.21 -6.45
C ASP A 499 -0.77 -20.71 -5.00
N LEU A 500 0.20 -20.28 -4.20
CA LEU A 500 0.25 -20.62 -2.76
C LEU A 500 -1.00 -20.13 -2.05
N ILE A 501 -1.33 -18.84 -2.29
CA ILE A 501 -2.56 -18.27 -1.78
C ILE A 501 -3.75 -19.09 -2.18
N GLN A 502 -3.83 -19.56 -3.45
CA GLN A 502 -4.99 -20.38 -3.84
C GLN A 502 -5.01 -21.66 -3.05
N GLN A 503 -3.82 -22.17 -2.75
CA GLN A 503 -3.77 -23.42 -2.01
C GLN A 503 -4.23 -23.18 -0.58
N TYR A 504 -3.91 -22.04 0.03
CA TYR A 504 -4.46 -21.71 1.36
C TYR A 504 -5.97 -21.57 1.26
N TYR A 505 -6.41 -20.92 0.19
CA TYR A 505 -7.81 -20.73 -0.06
C TYR A 505 -8.59 -22.05 -0.06
N LEU A 506 -8.06 -23.10 -0.70
CA LEU A 506 -8.73 -24.39 -0.78
C LEU A 506 -8.87 -25.17 0.53
N THR A 507 -7.87 -24.99 1.38
CA THR A 507 -7.84 -25.54 2.72
C THR A 507 -8.95 -24.90 3.54
N PHE A 508 -9.18 -23.63 3.25
CA PHE A 508 -9.89 -22.74 4.16
C PHE A 508 -11.29 -23.19 4.56
N ASN A 509 -11.51 -23.06 5.85
CA ASN A 509 -12.76 -23.28 6.54
C ASN A 509 -13.78 -22.11 6.41
N PHE A 510 -14.62 -22.14 5.36
CA PHE A 510 -15.70 -21.15 5.12
C PHE A 510 -17.04 -21.69 5.54
N ASP A 511 -17.05 -22.49 6.60
CA ASP A 511 -18.26 -23.25 6.87
C ASP A 511 -19.05 -22.67 8.01
N ASN A 512 -18.52 -22.86 9.21
CA ASN A 512 -19.33 -22.66 10.41
C ASN A 512 -18.71 -21.66 11.38
N GLU A 513 -19.11 -20.41 11.26
CA GLU A 513 -18.62 -19.38 12.13
C GLU A 513 -19.02 -19.67 13.58
N PRO A 514 -18.29 -19.08 14.50
CA PRO A 514 -18.73 -19.28 15.87
C PRO A 514 -20.10 -18.64 16.05
N GLU A 515 -20.87 -19.22 16.98
CA GLU A 515 -22.23 -18.79 17.21
CA GLU A 515 -22.23 -18.78 17.22
C GLU A 515 -22.25 -17.52 18.06
N ASN A 516 -23.35 -16.80 17.97
CA ASN A 516 -23.59 -15.72 18.90
C ASN A 516 -24.24 -16.37 20.14
N ILE A 517 -23.44 -16.67 21.16
CA ILE A 517 -23.99 -17.36 22.31
C ILE A 517 -24.55 -16.36 23.32
N SER A 518 -25.41 -16.87 24.19
CA SER A 518 -25.97 -16.07 25.24
C SER A 518 -25.00 -16.02 26.40
N ILE A 519 -24.65 -14.83 26.84
CA ILE A 519 -23.77 -14.66 28.00
C ILE A 519 -24.61 -13.93 29.01
N GLU A 520 -24.18 -13.94 30.26
CA GLU A 520 -24.90 -13.21 31.28
C GLU A 520 -24.69 -11.72 31.13
N ASN A 521 -25.70 -10.95 31.54
CA ASN A 521 -25.60 -9.50 31.40
C ASN A 521 -24.43 -8.90 32.19
N LEU A 522 -23.59 -8.13 31.51
CA LEU A 522 -22.57 -7.33 32.18
C LEU A 522 -23.21 -6.15 32.88
N SER A 523 -22.41 -5.37 33.59
CA SER A 523 -22.90 -4.11 34.15
CA SER A 523 -22.92 -4.12 34.15
C SER A 523 -23.34 -3.16 33.03
N SER A 524 -24.26 -2.25 33.36
CA SER A 524 -24.80 -1.32 32.39
C SER A 524 -23.74 -0.45 31.72
N ASP A 525 -22.81 0.06 32.54
CA ASP A 525 -21.58 0.68 32.04
C ASP A 525 -20.48 -0.38 32.09
N ILE A 526 -19.90 -0.69 30.94
CA ILE A 526 -18.73 -1.57 30.88
C ILE A 526 -17.45 -0.77 31.03
N ILE A 527 -16.70 -0.95 32.12
CA ILE A 527 -15.52 -0.10 32.34
C ILE A 527 -14.33 -0.59 31.53
N GLY A 528 -13.65 0.30 30.82
CA GLY A 528 -12.49 -0.09 30.04
C GLY A 528 -11.59 1.08 29.81
N GLN A 529 -10.32 0.77 29.58
CA GLN A 529 -9.35 1.79 29.24
C GLN A 529 -8.61 1.22 28.08
N LEU A 530 -8.32 2.04 27.09
CA LEU A 530 -7.61 1.58 25.92
C LEU A 530 -6.21 1.08 26.29
N GLU A 531 -5.72 0.12 25.53
CA GLU A 531 -4.38 -0.42 25.71
C GLU A 531 -3.30 0.66 25.93
N LEU A 532 -2.47 0.53 26.99
CA LEU A 532 -1.41 1.51 27.25
C LEU A 532 -0.41 1.49 26.07
N MET A 533 -0.09 2.68 25.53
CA MET A 533 0.83 2.80 24.38
C MET A 533 2.15 3.46 24.78
N PRO A 534 3.28 3.10 24.14
CA PRO A 534 4.54 3.80 24.44
C PRO A 534 4.37 5.30 24.16
N ASN A 535 4.97 6.17 24.98
CA ASN A 535 4.84 7.59 24.69
C ASN A 535 5.84 7.93 23.58
N ILE A 536 5.45 8.84 22.70
CA ILE A 536 6.33 9.18 21.60
C ILE A 536 6.79 10.64 21.77
N GLU A 537 8.10 10.81 21.81
CA GLU A 537 8.68 12.14 21.94
C GLU A 537 8.59 12.84 20.59
N ARG A 538 8.23 14.13 20.57
CA ARG A 538 8.25 14.92 19.32
C ARG A 538 9.63 14.96 18.71
N PHE A 539 9.78 14.86 17.39
CA PHE A 539 11.14 15.08 16.92
C PHE A 539 11.41 16.60 16.82
N PRO A 540 12.71 16.99 16.82
CA PRO A 540 13.02 18.43 16.82
C PRO A 540 12.62 19.05 15.47
N ASN A 541 12.58 20.36 15.40
CA ASN A 541 12.04 21.00 14.22
C ASN A 541 12.84 22.23 13.86
N GLY A 542 12.84 22.60 12.58
CA GLY A 542 13.53 23.83 12.16
C GLY A 542 15.05 23.78 12.29
N LYS A 543 15.64 22.60 12.40
CA LYS A 543 17.09 22.54 12.58
C LYS A 543 17.83 23.12 11.35
N LYS A 544 18.85 23.92 11.63
CA LYS A 544 19.60 24.67 10.61
C LYS A 544 20.95 24.04 10.26
N TYR A 545 21.20 23.85 8.97
CA TYR A 545 22.49 23.34 8.49
C TYR A 545 23.17 24.33 7.54
N GLU A 546 24.37 24.71 7.92
CA GLU A 546 25.26 25.50 7.08
C GLU A 546 26.08 24.54 6.22
N LEU A 547 25.94 24.66 4.91
CA LEU A 547 26.59 23.73 3.98
C LEU A 547 27.58 24.40 3.01
N ASP A 548 28.50 23.58 2.50
CA ASP A 548 29.58 24.02 1.65
C ASP A 548 29.34 23.62 0.20
N LYS A 549 28.09 23.28 -0.11
CA LYS A 549 27.71 22.89 -1.48
C LYS A 549 26.22 23.11 -1.66
N TYR A 550 25.79 23.26 -2.90
CA TYR A 550 24.36 23.24 -3.23
C TYR A 550 23.90 21.78 -3.15
N THR A 551 22.77 21.54 -2.49
CA THR A 551 22.20 20.20 -2.40
C THR A 551 21.19 19.92 -3.51
N MET A 552 20.77 18.65 -3.62
CA MET A 552 19.70 18.30 -4.54
C MET A 552 18.44 19.08 -4.15
N PHE A 553 18.25 19.33 -2.85
CA PHE A 553 17.10 20.08 -2.41
C PHE A 553 17.14 21.51 -2.95
N HIS A 554 18.31 22.15 -2.93
CA HIS A 554 18.43 23.49 -3.55
C HIS A 554 18.18 23.46 -5.04
N TYR A 555 18.71 22.46 -5.73
CA TYR A 555 18.51 22.34 -7.19
C TYR A 555 17.04 22.14 -7.55
N LEU A 556 16.32 21.39 -6.72
CA LEU A 556 14.94 21.12 -6.96
C LEU A 556 14.08 22.34 -6.62
N ARG A 557 14.37 22.98 -5.49
CA ARG A 557 13.63 24.18 -5.10
C ARG A 557 13.77 25.31 -6.14
N ALA A 558 14.96 25.44 -6.71
CA ALA A 558 15.24 26.43 -7.73
C ALA A 558 14.36 26.29 -8.96
N GLN A 559 13.74 25.11 -9.12
CA GLN A 559 12.94 24.78 -10.26
C GLN A 559 11.47 25.10 -10.07
N GLU A 560 11.15 25.73 -8.94
CA GLU A 560 9.77 25.99 -8.55
C GLU A 560 9.43 27.46 -8.75
N PHE A 561 8.14 27.76 -8.78
CA PHE A 561 7.70 29.15 -8.83
C PHE A 561 6.33 29.20 -8.22
N GLU A 562 5.94 30.39 -7.75
CA GLU A 562 4.64 30.59 -7.11
C GLU A 562 3.78 31.50 -7.98
N HIS A 563 2.71 32.01 -7.37
CA HIS A 563 1.74 32.82 -8.13
C HIS A 563 2.33 34.21 -8.43
N GLY A 564 2.07 34.73 -9.63
CA GLY A 564 2.62 36.02 -10.00
C GLY A 564 2.05 36.56 -11.29
N LYS A 565 2.47 37.77 -11.66
CA LYS A 565 1.99 38.45 -12.87
C LYS A 565 3.07 38.47 -13.96
N SER A 566 4.34 38.64 -13.57
CA SER A 566 5.46 38.70 -14.50
C SER A 566 5.58 37.43 -15.34
N ARG A 567 6.18 37.56 -16.53
CA ARG A 567 6.60 36.40 -17.32
C ARG A 567 7.75 35.69 -16.60
N ILE A 568 7.59 34.41 -16.30
CA ILE A 568 8.71 33.66 -15.76
C ILE A 568 9.77 33.46 -16.85
N ALA A 569 11.03 33.48 -16.48
CA ALA A 569 12.06 33.11 -17.43
C ALA A 569 12.91 31.97 -16.88
N LEU A 570 13.24 31.01 -17.74
CA LEU A 570 14.17 29.97 -17.32
C LEU A 570 15.61 30.49 -17.33
N THR A 571 16.40 29.95 -16.42
CA THR A 571 17.83 30.21 -16.37
C THR A 571 18.60 28.93 -16.08
N ASN A 572 19.79 28.82 -16.65
CA ASN A 572 20.71 27.72 -16.35
C ASN A 572 21.45 27.93 -15.00
N SER A 573 21.20 29.05 -14.33
CA SER A 573 21.81 29.32 -13.01
C SER A 573 20.88 29.01 -11.82
N VAL A 574 21.27 28.03 -11.01
CA VAL A 574 20.54 27.71 -9.79
C VAL A 574 20.48 28.89 -8.83
N ASN A 575 21.62 29.54 -8.69
CA ASN A 575 21.75 30.70 -7.83
C ASN A 575 20.78 31.83 -8.25
N GLU A 576 20.74 32.15 -9.54
CA GLU A 576 19.83 33.20 -10.00
C GLU A 576 18.38 32.88 -9.66
N ALA A 577 18.01 31.63 -9.92
CA ALA A 577 16.65 31.12 -9.67
C ALA A 577 16.25 31.22 -8.18
N LEU A 578 17.17 30.86 -7.30
CA LEU A 578 16.86 30.87 -5.86
C LEU A 578 16.66 32.28 -5.35
N LEU A 579 17.31 33.22 -6.01
CA LEU A 579 17.26 34.60 -5.59
C LEU A 579 16.10 35.42 -6.21
N ASN A 580 15.50 34.94 -7.31
CA ASN A 580 14.49 35.72 -8.06
C ASN A 580 13.23 34.87 -8.29
N PRO A 581 12.09 35.29 -7.70
CA PRO A 581 10.83 34.58 -7.88
C PRO A 581 10.35 34.55 -9.35
N SER A 582 10.91 35.38 -10.21
CA SER A 582 10.57 35.32 -11.64
C SER A 582 11.54 34.48 -12.48
N ARG A 583 12.44 33.77 -11.81
CA ARG A 583 13.45 33.02 -12.55
C ARG A 583 13.45 31.61 -12.05
N VAL A 584 13.45 30.69 -13.02
CA VAL A 584 13.31 29.27 -12.72
C VAL A 584 14.42 28.47 -13.35
N TYR A 585 15.06 27.64 -12.52
CA TYR A 585 16.21 26.88 -12.96
C TYR A 585 15.78 25.77 -13.89
N THR A 586 16.52 25.59 -14.96
CA THR A 586 16.28 24.42 -15.79
C THR A 586 17.61 23.75 -16.05
N PHE A 587 17.60 22.41 -16.11
CA PHE A 587 18.77 21.65 -16.53
C PHE A 587 18.77 21.41 -18.05
N PHE A 588 17.78 21.96 -18.75
CA PHE A 588 17.76 21.83 -20.19
C PHE A 588 18.89 22.68 -20.77
N SER A 589 19.09 22.58 -22.08
CA SER A 589 20.17 23.27 -22.74
C SER A 589 19.99 24.79 -22.81
N SER A 590 21.08 25.49 -23.03
CA SER A 590 20.98 26.94 -23.16
C SER A 590 20.17 27.34 -24.39
N ASP A 591 20.18 26.50 -25.43
CA ASP A 591 19.29 26.76 -26.57
C ASP A 591 17.77 26.69 -26.23
N TYR A 592 17.41 25.74 -25.39
CA TYR A 592 16.05 25.66 -24.89
C TYR A 592 15.72 26.95 -24.11
N VAL A 593 16.62 27.38 -23.25
CA VAL A 593 16.42 28.58 -22.44
C VAL A 593 16.12 29.73 -23.36
N LYS A 594 16.92 29.84 -24.42
CA LYS A 594 16.74 30.94 -25.31
C LYS A 594 15.43 30.77 -26.05
N LYS A 595 15.15 29.57 -26.54
CA LYS A 595 13.93 29.42 -27.36
C LYS A 595 12.67 29.69 -26.50
N VAL A 596 12.63 29.18 -25.27
CA VAL A 596 11.41 29.32 -24.46
C VAL A 596 11.25 30.77 -23.95
N ASN A 597 12.37 31.48 -23.73
CA ASN A 597 12.26 32.83 -23.20
C ASN A 597 11.99 33.94 -24.24
N LYS A 598 12.05 33.63 -25.55
CA LYS A 598 11.97 34.70 -26.57
C LYS A 598 10.53 35.22 -26.76
N ALA A 599 10.40 36.51 -27.01
CA ALA A 599 9.12 37.10 -27.39
C ALA A 599 8.69 36.50 -28.73
N THR A 600 7.49 35.93 -28.74
CA THR A 600 7.06 35.19 -29.91
C THR A 600 5.78 35.74 -30.43
N GLU A 601 5.77 36.18 -31.70
CA GLU A 601 4.57 36.80 -32.28
C GLU A 601 3.51 35.75 -32.59
N ALA A 602 2.26 36.19 -32.60
CA ALA A 602 1.09 35.32 -32.60
C ALA A 602 1.09 34.34 -33.79
N ALA A 603 1.61 34.81 -34.93
CA ALA A 603 1.66 34.03 -36.17
C ALA A 603 2.61 32.86 -36.05
N MET A 604 3.60 32.98 -35.20
CA MET A 604 4.54 31.87 -35.04
C MET A 604 4.28 31.10 -33.71
N PHE A 605 3.23 31.47 -32.99
CA PHE A 605 2.93 30.74 -31.73
C PHE A 605 2.80 29.22 -31.87
N LEU A 606 1.99 28.72 -32.80
CA LEU A 606 1.77 27.28 -32.79
C LEU A 606 3.04 26.51 -33.22
N GLY A 607 3.81 27.10 -34.14
CA GLY A 607 5.09 26.53 -34.51
C GLY A 607 6.07 26.53 -33.33
N TRP A 608 6.01 27.57 -32.53
CA TRP A 608 6.87 27.68 -31.36
C TRP A 608 6.54 26.61 -30.28
N VAL A 609 5.24 26.44 -30.00
CA VAL A 609 4.80 25.39 -29.08
C VAL A 609 5.21 24.04 -29.67
N GLU A 610 4.99 23.86 -30.99
CA GLU A 610 5.37 22.58 -31.60
C GLU A 610 6.85 22.25 -31.30
N GLN A 611 7.72 23.23 -31.52
CA GLN A 611 9.16 23.06 -31.35
C GLN A 611 9.53 22.83 -29.91
N LEU A 612 8.97 23.62 -29.02
CA LEU A 612 9.27 23.43 -27.57
C LEU A 612 8.90 22.03 -27.09
N VAL A 613 7.82 21.47 -27.62
CA VAL A 613 7.41 20.13 -27.19
C VAL A 613 8.40 19.09 -27.73
N TYR A 614 8.80 19.26 -29.01
CA TYR A 614 9.88 18.46 -29.55
C TYR A 614 11.14 18.59 -28.70
N ASP A 615 11.54 19.83 -28.38
CA ASP A 615 12.80 20.02 -27.68
C ASP A 615 12.70 19.46 -26.27
N PHE A 616 11.54 19.66 -25.66
CA PHE A 616 11.29 19.13 -24.28
C PHE A 616 11.40 17.61 -24.32
N THR A 617 10.79 16.98 -25.31
CA THR A 617 10.85 15.52 -25.45
C THR A 617 12.29 15.03 -25.73
N ASP A 618 12.94 15.64 -26.71
CA ASP A 618 14.31 15.31 -27.03
C ASP A 618 15.22 15.40 -25.79
N GLU A 619 15.21 16.53 -25.09
CA GLU A 619 16.03 16.69 -23.90
C GLU A 619 15.71 15.60 -22.87
N THR A 620 14.43 15.32 -22.64
CA THR A 620 14.11 14.46 -21.50
C THR A 620 14.18 12.97 -21.89
N SER A 621 14.18 12.69 -23.20
CA SER A 621 14.34 11.32 -23.65
C SER A 621 15.81 10.89 -23.86
N GLU A 622 16.80 11.76 -23.65
CA GLU A 622 18.16 11.32 -24.01
C GLU A 622 18.62 10.17 -23.12
N VAL A 623 19.21 9.17 -23.76
CA VAL A 623 19.76 8.02 -23.06
C VAL A 623 21.11 7.75 -23.69
N SER A 624 22.15 7.63 -22.88
CA SER A 624 23.46 7.21 -23.39
C SER A 624 23.66 5.74 -23.06
N THR A 625 24.25 5.00 -24.00
CA THR A 625 24.51 3.59 -23.74
C THR A 625 25.95 3.48 -23.22
N THR A 626 26.23 2.48 -22.38
CA THR A 626 27.61 2.27 -21.97
C THR A 626 27.97 0.80 -21.74
N ASP A 627 29.24 0.49 -22.01
CA ASP A 627 29.75 -0.84 -21.75
C ASP A 627 30.79 -0.81 -20.64
N LYS A 628 31.03 0.37 -20.07
CA LYS A 628 32.14 0.53 -19.14
C LYS A 628 31.77 0.48 -17.65
N ILE A 629 30.58 -0.01 -17.34
CA ILE A 629 30.15 -0.06 -15.94
C ILE A 629 29.47 -1.37 -15.61
N ALA A 630 29.88 -2.04 -14.55
CA ALA A 630 29.30 -3.35 -14.26
C ALA A 630 27.81 -3.21 -13.88
N ASP A 631 26.94 -3.93 -14.60
CA ASP A 631 25.50 -3.99 -14.34
C ASP A 631 24.75 -2.66 -14.57
N ILE A 632 25.38 -1.74 -15.28
CA ILE A 632 24.75 -0.51 -15.73
C ILE A 632 25.05 -0.34 -17.22
N THR A 633 24.02 -0.41 -18.04
CA THR A 633 24.25 -0.36 -19.49
C THR A 633 23.68 0.92 -20.17
N ILE A 634 22.99 1.74 -19.41
CA ILE A 634 22.50 3.01 -19.93
C ILE A 634 22.80 4.06 -18.89
N ILE A 635 22.88 5.31 -19.33
CA ILE A 635 23.03 6.46 -18.43
C ILE A 635 22.08 7.59 -18.90
N ILE A 636 21.35 8.23 -17.98
CA ILE A 636 20.55 9.42 -18.30
C ILE A 636 21.35 10.65 -17.86
N PRO A 637 22.01 11.36 -18.81
CA PRO A 637 23.01 12.33 -18.37
C PRO A 637 22.44 13.50 -17.61
N TYR A 638 21.23 13.93 -17.92
CA TYR A 638 20.78 15.17 -17.31
C TYR A 638 20.43 15.03 -15.82
N ILE A 639 20.43 13.80 -15.29
CA ILE A 639 20.17 13.60 -13.85
C ILE A 639 21.24 14.38 -13.06
N GLY A 640 22.43 14.44 -13.63
CA GLY A 640 23.54 15.21 -13.09
C GLY A 640 23.19 16.64 -12.74
N PRO A 641 22.91 17.45 -13.74
CA PRO A 641 22.47 18.83 -13.50
C PRO A 641 21.02 19.00 -12.99
N ALA A 642 20.18 17.97 -13.06
CA ALA A 642 18.82 18.16 -12.54
C ALA A 642 18.87 18.22 -11.02
N LEU A 643 19.77 17.44 -10.44
CA LEU A 643 19.76 17.32 -8.98
C LEU A 643 21.10 17.54 -8.35
N ASN A 644 22.06 18.02 -9.14
CA ASN A 644 23.44 18.23 -8.69
C ASN A 644 24.02 16.92 -8.14
N ILE A 645 23.72 15.81 -8.80
CA ILE A 645 24.24 14.53 -8.31
C ILE A 645 25.75 14.52 -8.22
N GLY A 646 26.29 14.12 -7.07
CA GLY A 646 27.73 14.06 -6.90
C GLY A 646 28.35 15.44 -6.85
N ASN A 647 27.54 16.48 -6.82
CA ASN A 647 28.06 17.84 -6.72
C ASN A 647 28.90 18.22 -7.94
N MET A 648 28.60 17.58 -9.07
CA MET A 648 29.18 17.96 -10.35
C MET A 648 28.04 18.58 -11.13
N LEU A 649 28.24 19.80 -11.62
CA LEU A 649 27.13 20.55 -12.13
C LEU A 649 26.75 20.22 -13.56
N TYR A 650 27.52 19.36 -14.21
CA TYR A 650 27.40 19.20 -15.64
C TYR A 650 27.33 17.79 -16.03
N LYS A 651 26.56 17.50 -17.07
CA LYS A 651 26.25 16.13 -17.44
C LYS A 651 27.52 15.37 -17.77
N ASP A 652 28.44 16.03 -18.44
CA ASP A 652 29.66 15.36 -18.88
C ASP A 652 30.37 14.93 -17.63
N ASP A 653 30.25 15.76 -16.65
CA ASP A 653 30.84 15.50 -15.35
C ASP A 653 30.11 14.31 -14.70
N PHE A 654 28.81 14.20 -14.95
CA PHE A 654 28.00 13.11 -14.38
C PHE A 654 28.25 11.77 -15.09
N VAL A 655 28.28 11.77 -16.41
CA VAL A 655 28.54 10.53 -17.14
C VAL A 655 29.93 9.97 -16.79
N GLY A 656 30.94 10.84 -16.85
CA GLY A 656 32.28 10.46 -16.48
C GLY A 656 32.38 10.02 -15.03
N ALA A 657 31.77 10.78 -14.13
CA ALA A 657 31.85 10.45 -12.71
C ALA A 657 31.23 9.07 -12.47
N LEU A 658 30.14 8.80 -13.18
CA LEU A 658 29.45 7.52 -13.01
C LEU A 658 30.31 6.37 -13.53
N ILE A 659 31.02 6.60 -14.64
CA ILE A 659 31.91 5.58 -15.18
C ILE A 659 33.09 5.38 -14.22
N PHE A 660 33.60 6.48 -13.67
CA PHE A 660 34.73 6.41 -12.74
C PHE A 660 34.41 5.80 -11.38
N SER A 661 33.24 6.09 -10.81
CA SER A 661 33.02 5.65 -9.43
C SER A 661 31.89 4.64 -9.27
N GLY A 662 31.12 4.41 -10.34
CA GLY A 662 29.92 3.59 -10.25
C GLY A 662 28.73 4.20 -9.50
N ALA A 663 27.73 3.37 -9.24
CA ALA A 663 26.48 3.81 -8.56
C ALA A 663 26.65 4.56 -7.21
N VAL A 664 27.80 4.45 -6.55
CA VAL A 664 27.96 5.15 -5.29
C VAL A 664 27.74 6.68 -5.43
N ILE A 665 28.03 7.27 -6.59
CA ILE A 665 27.86 8.74 -6.69
C ILE A 665 26.40 9.20 -6.51
N LEU A 666 25.43 8.29 -6.71
CA LEU A 666 24.02 8.63 -6.49
C LEU A 666 23.67 8.82 -5.01
N LEU A 667 24.40 8.15 -4.13
CA LEU A 667 23.95 8.03 -2.76
C LEU A 667 24.25 9.25 -1.93
N GLU A 668 23.27 9.58 -1.11
CA GLU A 668 23.39 10.60 -0.09
C GLU A 668 24.24 10.04 1.04
N PHE A 669 24.14 8.73 1.28
CA PHE A 669 25.02 8.13 2.30
C PHE A 669 25.45 6.73 1.91
N ILE A 670 26.67 6.37 2.30
CA ILE A 670 27.21 5.05 2.02
C ILE A 670 26.90 4.17 3.19
N PRO A 671 26.18 3.07 2.94
CA PRO A 671 25.75 2.11 3.95
C PRO A 671 26.92 1.39 4.54
N GLU A 672 26.80 1.04 5.80
CA GLU A 672 27.70 0.03 6.34
C GLU A 672 27.08 -1.31 6.01
N ILE A 673 27.90 -2.25 5.55
CA ILE A 673 27.42 -3.61 5.36
C ILE A 673 28.46 -4.48 6.07
N ALA A 674 28.16 -4.81 7.32
CA ALA A 674 29.11 -5.46 8.21
C ALA A 674 28.85 -6.96 8.32
N ILE A 675 29.73 -7.74 7.69
CA ILE A 675 29.65 -9.18 7.77
C ILE A 675 30.91 -9.66 8.51
N PRO A 676 30.70 -10.24 9.70
CA PRO A 676 31.81 -10.63 10.56
C PRO A 676 32.46 -11.88 10.00
N VAL A 677 33.59 -12.27 10.55
CA VAL A 677 34.08 -13.62 10.34
C VAL A 677 32.93 -14.58 10.67
N LEU A 678 32.61 -15.49 9.76
CA LEU A 678 31.49 -16.38 10.02
C LEU A 678 31.85 -17.46 11.03
N GLY A 679 30.90 -17.72 11.94
CA GLY A 679 31.10 -18.70 13.01
C GLY A 679 31.48 -20.02 12.38
N THR A 680 32.35 -20.76 13.04
CA THR A 680 32.82 -21.96 12.40
C THR A 680 32.00 -23.14 12.89
N PHE A 681 31.99 -24.19 12.08
CA PHE A 681 31.23 -25.39 12.38
C PHE A 681 32.08 -26.31 13.23
N ALA A 682 31.49 -26.86 14.29
CA ALA A 682 32.08 -27.92 15.08
C ALA A 682 31.31 -29.21 14.88
N LEU A 683 32.01 -30.27 14.50
CA LEU A 683 31.34 -31.49 14.13
C LEU A 683 31.34 -32.48 15.29
N VAL A 684 30.16 -32.93 15.69
CA VAL A 684 30.12 -34.01 16.68
C VAL A 684 30.63 -35.28 16.05
N SER A 685 31.51 -35.97 16.78
CA SER A 685 32.05 -37.24 16.33
C SER A 685 31.22 -38.40 16.87
N TYR A 686 31.07 -39.45 16.08
CA TYR A 686 30.30 -40.63 16.43
C TYR A 686 31.07 -41.90 16.10
N ILE A 687 32.03 -42.25 16.94
CA ILE A 687 32.81 -43.47 16.74
C ILE A 687 31.93 -44.71 16.85
N ALA A 688 32.20 -45.71 16.01
CA ALA A 688 31.45 -46.96 16.01
C ALA A 688 30.14 -46.86 15.22
N ASN A 689 29.94 -45.75 14.54
CA ASN A 689 28.75 -45.56 13.72
C ASN A 689 28.97 -44.87 12.39
N LYS A 690 29.05 -45.64 11.32
CA LYS A 690 29.39 -45.08 10.01
C LYS A 690 28.35 -44.15 9.50
N VAL A 691 27.09 -44.56 9.61
CA VAL A 691 26.02 -43.78 8.99
C VAL A 691 25.88 -42.40 9.63
N LEU A 692 26.02 -42.33 10.96
CA LEU A 692 25.89 -41.05 11.66
C LEU A 692 27.06 -40.11 11.36
N THR A 693 28.26 -40.68 11.26
CA THR A 693 29.45 -39.88 10.92
C THR A 693 29.32 -39.29 9.51
N VAL A 694 28.91 -40.12 8.56
CA VAL A 694 28.61 -39.65 7.21
C VAL A 694 27.48 -38.65 7.20
N GLN A 695 26.43 -38.87 7.97
CA GLN A 695 25.36 -37.89 7.97
CA GLN A 695 25.34 -37.91 8.04
C GLN A 695 25.87 -36.56 8.48
N THR A 696 26.77 -36.61 9.47
CA THR A 696 27.29 -35.37 10.03
C THR A 696 28.06 -34.59 8.98
N ILE A 697 28.73 -35.30 8.08
CA ILE A 697 29.46 -34.63 7.00
C ILE A 697 28.47 -34.05 6.00
N ASP A 698 27.48 -34.83 5.57
CA ASP A 698 26.42 -34.28 4.73
C ASP A 698 25.73 -33.07 5.39
N ASN A 699 25.49 -33.13 6.70
CA ASN A 699 24.74 -32.05 7.38
C ASN A 699 25.57 -30.78 7.35
N ALA A 700 26.87 -30.95 7.47
CA ALA A 700 27.80 -29.81 7.45
C ALA A 700 27.71 -29.09 6.13
N LEU A 701 27.68 -29.87 5.05
CA LEU A 701 27.65 -29.30 3.71
C LEU A 701 26.32 -28.64 3.42
N SER A 702 25.21 -29.29 3.74
CA SER A 702 23.89 -28.64 3.61
C SER A 702 23.77 -27.35 4.41
N LYS A 703 24.26 -27.35 5.64
CA LYS A 703 24.18 -26.14 6.48
C LYS A 703 25.11 -25.07 5.94
N ARG A 704 26.17 -25.49 5.27
CA ARG A 704 27.06 -24.53 4.63
C ARG A 704 26.29 -23.89 3.49
N ASN A 705 25.53 -24.68 2.74
CA ASN A 705 24.72 -24.06 1.69
C ASN A 705 23.73 -23.05 2.29
N GLU A 706 23.06 -23.42 3.38
CA GLU A 706 22.15 -22.46 4.02
C GLU A 706 22.88 -21.18 4.46
N LYS A 707 24.15 -21.31 4.85
CA LYS A 707 24.91 -20.19 5.37
C LYS A 707 25.10 -19.15 4.29
N TRP A 708 25.41 -19.60 3.08
CA TRP A 708 25.49 -18.69 1.92
C TRP A 708 24.13 -18.00 1.72
N ASP A 709 23.05 -18.78 1.72
CA ASP A 709 21.72 -18.19 1.59
C ASP A 709 21.40 -17.17 2.71
N GLU A 710 21.78 -17.48 3.95
CA GLU A 710 21.51 -16.57 5.07
C GLU A 710 22.27 -15.25 4.88
N VAL A 711 23.54 -15.31 4.47
CA VAL A 711 24.35 -14.11 4.30
C VAL A 711 23.72 -13.27 3.17
N TYR A 712 23.44 -13.91 2.05
CA TYR A 712 22.79 -13.19 0.94
C TYR A 712 21.45 -12.53 1.32
N LYS A 713 20.60 -13.28 2.00
CA LYS A 713 19.32 -12.75 2.45
C LYS A 713 19.50 -11.52 3.35
N TYR A 714 20.49 -11.57 4.21
CA TYR A 714 20.78 -10.48 5.13
C TYR A 714 21.27 -9.23 4.38
N ILE A 715 22.13 -9.47 3.40
CA ILE A 715 22.70 -8.37 2.65
C ILE A 715 21.57 -7.69 1.86
N VAL A 716 20.67 -8.48 1.28
CA VAL A 716 19.54 -7.93 0.58
C VAL A 716 18.64 -7.09 1.49
N THR A 717 18.32 -7.58 2.69
CA THR A 717 17.55 -6.77 3.62
C THR A 717 18.23 -5.41 3.83
N ASN A 718 19.55 -5.43 3.98
CA ASN A 718 20.28 -4.20 4.29
C ASN A 718 20.21 -3.25 3.12
N TRP A 719 20.35 -3.82 1.94
CA TRP A 719 20.32 -3.07 0.67
C TRP A 719 18.96 -2.50 0.38
N LEU A 720 17.93 -3.31 0.54
CA LEU A 720 16.55 -2.81 0.35
C LEU A 720 16.34 -1.58 1.23
N ALA A 721 16.74 -1.67 2.50
CA ALA A 721 16.41 -0.62 3.44
C ALA A 721 17.32 0.61 3.34
N LYS A 722 18.60 0.39 2.99
CA LYS A 722 19.60 1.44 3.20
C LYS A 722 19.98 2.10 1.89
N VAL A 723 19.86 1.36 0.81
CA VAL A 723 20.36 1.82 -0.49
C VAL A 723 19.22 2.01 -1.48
N ASN A 724 18.38 0.99 -1.63
CA ASN A 724 17.31 1.07 -2.61
C ASN A 724 16.34 2.20 -2.27
N THR A 725 16.16 2.46 -0.97
CA THR A 725 15.32 3.56 -0.52
C THR A 725 15.87 4.92 -1.02
N GLN A 726 17.20 5.04 -1.02
CA GLN A 726 17.86 6.27 -1.44
C GLN A 726 17.60 6.51 -2.90
N ILE A 727 17.77 5.44 -3.68
CA ILE A 727 17.53 5.50 -5.15
C ILE A 727 16.07 5.77 -5.47
N ASP A 728 15.15 5.20 -4.70
CA ASP A 728 13.72 5.45 -4.91
C ASP A 728 13.39 6.94 -4.74
N LEU A 729 13.96 7.57 -3.73
CA LEU A 729 13.72 8.99 -3.45
C LEU A 729 14.28 9.85 -4.61
N ILE A 730 15.50 9.57 -5.06
CA ILE A 730 16.02 10.27 -6.25
C ILE A 730 15.14 10.10 -7.48
N ARG A 731 14.64 8.89 -7.66
CA ARG A 731 13.66 8.63 -8.69
C ARG A 731 12.42 9.51 -8.56
N LYS A 732 11.89 9.63 -7.35
CA LYS A 732 10.78 10.54 -7.12
C LYS A 732 11.15 12.03 -7.34
N LYS A 733 12.35 12.42 -6.98
CA LYS A 733 12.75 13.83 -7.17
C LYS A 733 12.94 14.15 -8.66
N MET A 734 13.36 13.15 -9.43
CA MET A 734 13.47 13.36 -10.87
C MET A 734 12.12 13.57 -11.50
N LYS A 735 11.09 12.83 -11.06
CA LYS A 735 9.74 13.05 -11.56
C LYS A 735 9.26 14.47 -11.18
N GLU A 736 9.56 14.90 -9.95
CA GLU A 736 9.21 16.26 -9.53
C GLU A 736 9.94 17.29 -10.39
N ALA A 737 11.22 17.06 -10.59
CA ALA A 737 12.00 17.97 -11.44
C ALA A 737 11.41 18.07 -12.85
N LEU A 738 11.05 16.93 -13.45
CA LEU A 738 10.43 16.93 -14.79
C LEU A 738 9.10 17.67 -14.79
N GLU A 739 8.28 17.41 -13.78
CA GLU A 739 7.02 18.11 -13.66
C GLU A 739 7.24 19.62 -13.53
N ASN A 740 8.20 20.01 -12.70
CA ASN A 740 8.55 21.41 -12.54
C ASN A 740 8.93 22.03 -13.89
N GLN A 741 9.72 21.33 -14.68
CA GLN A 741 10.07 21.88 -16.01
C GLN A 741 8.82 21.98 -16.88
N ALA A 742 7.91 21.01 -16.81
CA ALA A 742 6.73 21.13 -17.68
C ALA A 742 5.86 22.30 -17.25
N GLU A 743 5.73 22.51 -15.93
CA GLU A 743 4.83 23.54 -15.44
C GLU A 743 5.42 24.90 -15.78
N ALA A 744 6.74 25.02 -15.68
CA ALA A 744 7.39 26.27 -15.99
C ALA A 744 7.25 26.59 -17.49
N THR A 745 7.54 25.61 -18.32
CA THR A 745 7.39 25.81 -19.77
C THR A 745 5.92 26.16 -20.11
N LYS A 746 4.96 25.46 -19.49
CA LYS A 746 3.54 25.79 -19.75
C LYS A 746 3.19 27.21 -19.32
N ALA A 747 3.68 27.66 -18.16
CA ALA A 747 3.37 29.00 -17.65
C ALA A 747 3.94 30.03 -18.59
N ILE A 748 5.09 29.74 -19.18
CA ILE A 748 5.67 30.74 -20.07
C ILE A 748 4.87 30.77 -21.38
N ILE A 749 4.62 29.60 -21.97
CA ILE A 749 3.82 29.54 -23.20
C ILE A 749 2.46 30.20 -23.00
N ASN A 750 1.78 29.92 -21.89
CA ASN A 750 0.47 30.54 -21.61
C ASN A 750 0.57 32.05 -21.43
N TYR A 751 1.66 32.51 -20.81
CA TYR A 751 1.85 33.96 -20.66
C TYR A 751 1.97 34.62 -22.04
N GLN A 752 2.73 33.98 -22.93
CA GLN A 752 2.91 34.52 -24.26
C GLN A 752 1.59 34.58 -25.05
N TYR A 753 0.85 33.46 -25.03
CA TYR A 753 -0.49 33.40 -25.63
C TYR A 753 -1.37 34.53 -25.14
N ASN A 754 -1.31 34.83 -23.84
CA ASN A 754 -2.21 35.82 -23.28
C ASN A 754 -1.78 37.25 -23.52
N GLN A 755 -0.72 37.45 -24.29
CA GLN A 755 -0.34 38.79 -24.67
C GLN A 755 -0.97 39.14 -26.02
N TYR A 756 -1.57 38.14 -26.68
CA TYR A 756 -2.08 38.30 -28.03
C TYR A 756 -3.46 38.98 -27.99
N THR A 757 -3.85 39.59 -29.11
CA THR A 757 -5.17 40.23 -29.20
C THR A 757 -6.27 39.19 -29.26
N GLU A 758 -7.48 39.66 -29.07
CA GLU A 758 -8.55 38.69 -28.92
C GLU A 758 -8.85 38.09 -30.31
N GLU A 759 -8.43 38.79 -31.37
CA GLU A 759 -8.56 38.25 -32.74
C GLU A 759 -7.55 37.12 -32.99
N GLU A 760 -6.29 37.40 -32.67
CA GLU A 760 -5.25 36.39 -32.77
C GLU A 760 -5.58 35.15 -31.92
N LYS A 761 -6.06 35.35 -30.69
CA LYS A 761 -6.39 34.19 -29.85
C LYS A 761 -7.54 33.40 -30.47
N ASN A 762 -8.53 34.12 -31.00
CA ASN A 762 -9.64 33.46 -31.66
C ASN A 762 -9.19 32.63 -32.85
N ASN A 763 -8.21 33.16 -33.60
CA ASN A 763 -7.68 32.43 -34.75
C ASN A 763 -6.86 31.25 -34.27
N ILE A 764 -6.01 31.49 -33.27
CA ILE A 764 -5.14 30.43 -32.79
C ILE A 764 -5.96 29.36 -32.04
N ASN A 765 -6.82 29.79 -31.14
CA ASN A 765 -7.75 28.87 -30.48
C ASN A 765 -6.94 27.77 -29.72
N PHE A 766 -6.00 28.26 -28.88
CA PHE A 766 -5.00 27.44 -28.17
C PHE A 766 -5.68 26.61 -27.13
N ASN A 767 -5.28 25.36 -27.01
CA ASN A 767 -5.80 24.48 -25.96
C ASN A 767 -4.65 24.02 -25.08
N ILE A 768 -4.46 24.71 -23.95
CA ILE A 768 -3.35 24.43 -23.04
C ILE A 768 -3.48 23.01 -22.49
N ASP A 769 -4.67 22.44 -22.56
CA ASP A 769 -4.87 21.04 -22.06
C ASP A 769 -4.15 20.07 -22.97
N ASP A 770 -4.13 20.39 -24.27
CA ASP A 770 -3.44 19.59 -25.26
C ASP A 770 -1.95 19.57 -24.99
N LEU A 771 -1.40 20.73 -24.68
CA LEU A 771 0.01 20.86 -24.34
C LEU A 771 0.34 20.11 -23.07
N SER A 772 -0.53 20.25 -22.07
CA SER A 772 -0.29 19.51 -20.81
C SER A 772 -0.20 18.02 -21.06
N SER A 773 -1.11 17.52 -21.90
CA SER A 773 -1.15 16.11 -22.26
C SER A 773 0.12 15.66 -22.90
N LYS A 774 0.56 16.41 -23.91
CA LYS A 774 1.75 16.02 -24.65
C LYS A 774 3.01 16.02 -23.75
N LEU A 775 3.13 17.02 -22.89
CA LEU A 775 4.26 17.11 -21.99
C LEU A 775 4.19 15.96 -20.96
N ASN A 776 2.97 15.65 -20.51
CA ASN A 776 2.81 14.57 -19.57
C ASN A 776 3.25 13.28 -20.22
N GLU A 777 2.90 13.11 -21.50
CA GLU A 777 3.36 11.96 -22.25
C GLU A 777 4.86 11.84 -22.29
N SER A 778 5.51 12.98 -22.47
CA SER A 778 6.98 13.01 -22.55
C SER A 778 7.64 12.72 -21.23
N ILE A 779 7.02 13.23 -20.19
CA ILE A 779 7.48 12.90 -18.84
C ILE A 779 7.39 11.38 -18.59
N ASN A 780 6.27 10.78 -18.94
CA ASN A 780 6.15 9.32 -18.84
C ASN A 780 7.29 8.59 -19.59
N LYS A 781 7.55 8.96 -20.86
CA LYS A 781 8.63 8.37 -21.61
C LYS A 781 9.98 8.58 -20.93
N ALA A 782 10.21 9.77 -20.39
CA ALA A 782 11.47 10.00 -19.68
C ALA A 782 11.59 9.10 -18.44
N MET A 783 10.48 8.92 -17.75
CA MET A 783 10.52 8.21 -16.49
C MET A 783 10.72 6.74 -16.75
N ILE A 784 10.32 6.27 -17.93
CA ILE A 784 10.56 4.88 -18.26
C ILE A 784 12.08 4.64 -18.24
N ASN A 785 12.80 5.60 -18.80
CA ASN A 785 14.24 5.50 -18.97
C ASN A 785 14.93 5.73 -17.65
N ILE A 786 14.43 6.73 -16.90
CA ILE A 786 15.01 7.03 -15.61
C ILE A 786 14.82 5.85 -14.64
N ASN A 787 13.63 5.25 -14.62
CA ASN A 787 13.38 4.10 -13.72
C ASN A 787 14.29 2.92 -14.08
N LYS A 788 14.44 2.66 -15.38
CA LYS A 788 15.30 1.57 -15.83
C LYS A 788 16.75 1.84 -15.39
N PHE A 789 17.19 3.09 -15.59
CA PHE A 789 18.51 3.48 -15.19
C PHE A 789 18.75 3.37 -13.67
N LEU A 790 17.82 3.90 -12.90
CA LEU A 790 18.01 3.93 -11.45
C LEU A 790 17.92 2.55 -10.87
N ASN A 791 17.08 1.73 -11.47
CA ASN A 791 17.01 0.34 -11.14
C ASN A 791 18.35 -0.36 -11.29
N GLN A 792 18.92 -0.18 -12.48
CA GLN A 792 20.25 -0.68 -12.76
C GLN A 792 21.24 -0.20 -11.73
N CYS A 793 21.16 1.05 -11.31
CA CYS A 793 22.15 1.57 -10.37
C CYS A 793 21.98 0.91 -9.03
N SER A 794 20.74 0.75 -8.60
CA SER A 794 20.43 0.12 -7.33
C SER A 794 20.95 -1.33 -7.24
N VAL A 795 20.67 -2.12 -8.28
CA VAL A 795 21.15 -3.49 -8.37
C VAL A 795 22.67 -3.60 -8.57
N SER A 796 23.23 -2.72 -9.39
CA SER A 796 24.66 -2.66 -9.55
C SER A 796 25.35 -2.41 -8.22
N TYR A 797 24.79 -1.50 -7.42
CA TYR A 797 25.41 -1.16 -6.14
C TYR A 797 25.36 -2.40 -5.25
N LEU A 798 24.20 -3.06 -5.24
CA LEU A 798 24.04 -4.34 -4.56
C LEU A 798 25.09 -5.36 -4.97
N MET A 799 25.10 -5.61 -6.27
CA MET A 799 25.98 -6.58 -6.90
C MET A 799 27.44 -6.32 -6.62
N ASN A 800 27.86 -5.06 -6.76
CA ASN A 800 29.27 -4.72 -6.84
C ASN A 800 29.84 -4.10 -5.58
N SER A 801 28.98 -3.58 -4.70
CA SER A 801 29.52 -2.90 -3.53
C SER A 801 29.00 -3.47 -2.21
N MET A 802 28.06 -4.41 -2.25
CA MET A 802 27.62 -5.04 -0.99
C MET A 802 27.85 -6.54 -0.90
N ILE A 803 27.32 -7.26 -1.87
CA ILE A 803 27.45 -8.70 -1.99
C ILE A 803 28.89 -9.27 -1.92
N PRO A 804 29.90 -8.58 -2.55
CA PRO A 804 31.25 -9.16 -2.44
C PRO A 804 31.79 -9.22 -1.00
N TYR A 805 31.37 -8.32 -0.12
CA TYR A 805 31.80 -8.47 1.25
C TYR A 805 31.23 -9.77 1.85
N GLY A 806 29.97 -10.10 1.52
CA GLY A 806 29.42 -11.39 1.87
C GLY A 806 30.19 -12.55 1.24
N VAL A 807 30.47 -12.47 -0.05
CA VAL A 807 31.19 -13.52 -0.76
C VAL A 807 32.58 -13.85 -0.16
N LYS A 808 33.34 -12.82 0.21
CA LYS A 808 34.66 -13.03 0.75
C LYS A 808 34.58 -13.80 2.06
N ARG A 809 33.71 -13.33 2.96
CA ARG A 809 33.48 -14.00 4.24
C ARG A 809 32.98 -15.43 4.07
N LEU A 810 32.08 -15.63 3.10
CA LEU A 810 31.57 -16.95 2.78
C LEU A 810 32.68 -17.85 2.20
N GLU A 811 33.52 -17.32 1.33
CA GLU A 811 34.65 -18.14 0.84
C GLU A 811 35.68 -18.48 1.98
N ASP A 812 35.91 -17.54 2.89
CA ASP A 812 36.74 -17.79 4.08
C ASP A 812 36.17 -18.97 4.85
N PHE A 813 34.85 -18.92 5.04
CA PHE A 813 34.14 -19.93 5.79
C PHE A 813 34.26 -21.31 5.12
N ASP A 814 34.01 -21.33 3.80
CA ASP A 814 34.18 -22.54 3.01
C ASP A 814 35.57 -23.15 3.23
N ALA A 815 36.57 -22.28 3.20
CA ALA A 815 37.96 -22.74 3.22
C ALA A 815 38.24 -23.38 4.56
N SER A 816 37.78 -22.73 5.62
CA SER A 816 37.91 -23.27 6.98
C SER A 816 37.13 -24.55 7.13
N LEU A 817 35.89 -24.56 6.62
CA LEU A 817 35.07 -25.77 6.71
C LEU A 817 35.69 -26.94 5.99
N LYS A 818 36.31 -26.63 4.85
CA LYS A 818 36.92 -27.68 4.07
C LYS A 818 38.00 -28.34 4.91
N ASP A 819 38.83 -27.52 5.55
CA ASP A 819 39.87 -28.05 6.42
C ASP A 819 39.26 -28.80 7.59
N ALA A 820 38.20 -28.26 8.17
CA ALA A 820 37.54 -28.98 9.26
C ALA A 820 37.04 -30.35 8.82
N LEU A 821 36.33 -30.39 7.70
CA LEU A 821 35.73 -31.64 7.23
C LEU A 821 36.79 -32.65 6.85
N LEU A 822 37.91 -32.17 6.27
CA LEU A 822 38.97 -33.10 5.87
C LEU A 822 39.68 -33.70 7.09
N LYS A 823 39.94 -32.87 8.09
CA LYS A 823 40.45 -33.34 9.37
C LYS A 823 39.50 -34.34 10.02
N TYR A 824 38.21 -34.06 9.94
CA TYR A 824 37.20 -34.91 10.54
C TYR A 824 37.18 -36.28 9.85
N ILE A 825 37.32 -36.28 8.54
CA ILE A 825 37.38 -37.52 7.79
C ILE A 825 38.62 -38.32 8.22
N TYR A 826 39.77 -37.66 8.28
CA TYR A 826 41.00 -38.31 8.77
C TYR A 826 40.87 -38.79 10.21
N ASP A 827 40.41 -37.92 11.11
CA ASP A 827 40.27 -38.33 12.50
C ASP A 827 39.28 -39.50 12.65
N ASN A 828 38.31 -39.59 11.73
CA ASN A 828 37.39 -40.72 11.75
C ASN A 828 37.61 -41.74 10.63
N ARG A 829 38.84 -41.86 10.13
CA ARG A 829 39.08 -42.70 8.96
C ARG A 829 38.92 -44.17 9.31
N GLY A 830 39.10 -44.52 10.57
CA GLY A 830 38.75 -45.85 11.01
C GLY A 830 37.32 -46.08 10.63
N THR A 831 36.43 -45.33 11.24
CA THR A 831 35.02 -45.55 11.08
C THR A 831 34.67 -45.45 9.63
N LEU A 832 35.34 -44.56 8.95
CA LEU A 832 35.01 -44.25 7.60
C LEU A 832 35.59 -45.26 6.66
N ILE A 833 36.28 -46.24 7.21
CA ILE A 833 36.99 -47.19 6.37
C ILE A 833 36.01 -47.81 5.45
N GLY A 834 36.38 -47.67 4.18
CA GLY A 834 35.56 -47.99 3.02
C GLY A 834 34.83 -46.77 2.46
N GLN A 835 34.88 -45.65 3.19
CA GLN A 835 34.23 -44.42 2.74
C GLN A 835 35.10 -43.15 2.67
N VAL A 836 36.42 -43.25 2.72
CA VAL A 836 37.22 -42.09 2.97
C VAL A 836 37.40 -41.29 1.69
N ASP A 837 37.75 -41.97 0.61
CA ASP A 837 37.98 -41.22 -0.64
C ASP A 837 36.75 -40.58 -1.28
N ARG A 838 35.61 -41.25 -1.26
CA ARG A 838 34.40 -40.68 -1.85
C ARG A 838 33.97 -39.41 -1.14
N LEU A 839 34.16 -39.39 0.18
CA LEU A 839 33.78 -38.23 1.03
C LEU A 839 34.76 -37.06 0.85
N LYS A 840 36.03 -37.38 0.64
CA LYS A 840 37.05 -36.42 0.28
C LYS A 840 36.65 -35.63 -0.96
N ASP A 841 36.34 -36.36 -2.04
CA ASP A 841 35.92 -35.72 -3.30
C ASP A 841 34.71 -34.84 -3.13
N LYS A 842 33.69 -35.37 -2.46
CA LYS A 842 32.47 -34.63 -2.20
C LYS A 842 32.78 -33.33 -1.44
N VAL A 843 33.59 -33.42 -0.39
CA VAL A 843 33.98 -32.24 0.38
C VAL A 843 34.69 -31.26 -0.56
N ASN A 844 35.72 -31.75 -1.25
CA ASN A 844 36.49 -30.91 -2.16
C ASN A 844 35.64 -30.26 -3.26
N ASN A 845 34.87 -31.05 -4.00
CA ASN A 845 34.00 -30.50 -5.04
C ASN A 845 33.09 -29.41 -4.52
N THR A 846 32.22 -29.79 -3.58
CA THR A 846 31.24 -28.83 -3.07
C THR A 846 31.86 -27.52 -2.61
N LEU A 847 33.00 -27.57 -1.92
CA LEU A 847 33.50 -26.37 -1.29
C LEU A 847 34.52 -25.63 -2.17
N SER A 848 34.62 -26.02 -3.45
CA SER A 848 35.56 -25.33 -4.35
C SER A 848 34.88 -24.32 -5.26
N THR A 849 33.57 -24.16 -5.11
CA THR A 849 32.87 -23.21 -5.98
C THR A 849 31.80 -22.46 -5.20
N ASP A 850 31.75 -21.14 -5.39
CA ASP A 850 30.72 -20.32 -4.79
C ASP A 850 29.30 -20.79 -5.11
N ILE A 851 28.38 -20.44 -4.21
CA ILE A 851 26.96 -20.57 -4.46
C ILE A 851 26.54 -19.25 -5.05
N PRO A 852 26.09 -19.26 -6.33
CA PRO A 852 25.85 -17.98 -7.02
C PRO A 852 24.72 -17.23 -6.36
N PHE A 853 24.87 -15.91 -6.25
CA PHE A 853 23.79 -15.07 -5.78
C PHE A 853 22.71 -14.99 -6.86
N GLN A 854 21.47 -15.30 -6.49
CA GLN A 854 20.33 -15.13 -7.38
C GLN A 854 19.32 -14.17 -6.73
N LEU A 855 19.22 -12.96 -7.26
CA LEU A 855 18.39 -11.91 -6.65
C LEU A 855 16.93 -12.31 -6.59
N SER A 856 16.46 -12.95 -7.67
CA SER A 856 15.12 -13.52 -7.75
C SER A 856 14.74 -14.37 -6.53
N LYS A 857 15.73 -14.90 -5.82
CA LYS A 857 15.49 -15.77 -4.68
C LYS A 857 15.04 -15.02 -3.43
N TYR A 858 15.35 -13.73 -3.37
CA TYR A 858 15.22 -12.96 -2.15
C TYR A 858 14.20 -11.86 -2.29
N VAL A 859 14.00 -11.41 -3.51
CA VAL A 859 13.10 -10.30 -3.69
C VAL A 859 12.20 -10.65 -4.84
N ASP A 860 10.93 -10.30 -4.70
CA ASP A 860 10.00 -10.49 -5.79
C ASP A 860 9.53 -9.14 -6.27
N ASN A 861 9.97 -8.80 -7.47
CA ASN A 861 9.56 -7.59 -8.15
C ASN A 861 10.16 -7.73 -9.52
N GLN A 862 9.31 -7.90 -10.54
CA GLN A 862 9.80 -8.11 -11.90
C GLN A 862 10.54 -6.88 -12.40
N ARG A 863 10.40 -5.78 -11.65
CA ARG A 863 11.15 -4.56 -11.88
C ARG A 863 12.66 -4.73 -11.58
N LEU A 864 13.00 -5.10 -10.33
CA LEU A 864 14.39 -5.29 -9.87
C LEU A 864 15.03 -6.61 -10.37
N LEU A 865 14.19 -7.60 -10.69
CA LEU A 865 14.63 -8.91 -11.17
C LEU A 865 15.09 -8.96 -12.63
N SER A 866 14.45 -8.17 -13.49
CA SER A 866 14.80 -8.18 -14.92
C SER A 866 16.07 -7.38 -15.19
N THR A 867 16.52 -6.62 -14.18
CA THR A 867 17.83 -5.96 -14.21
C THR A 867 18.95 -6.99 -14.03
N PHE A 868 18.67 -7.97 -13.16
CA PHE A 868 19.61 -9.04 -12.78
C PHE A 868 20.17 -9.80 -14.00
N GLN B 6 -26.39 -12.14 -22.06
CA GLN B 6 -25.93 -10.75 -22.07
C GLN B 6 -26.81 -9.88 -22.97
N LEU B 7 -27.09 -8.66 -22.50
CA LEU B 7 -28.03 -7.78 -23.17
C LEU B 7 -27.35 -6.69 -23.97
N GLN B 8 -27.88 -6.41 -25.15
CA GLN B 8 -27.47 -5.26 -25.92
C GLN B 8 -28.57 -4.21 -25.81
N LEU B 9 -28.15 -2.96 -25.67
CA LEU B 9 -29.08 -1.84 -25.54
C LEU B 9 -28.80 -0.79 -26.60
N VAL B 10 -29.77 -0.43 -27.41
CA VAL B 10 -29.53 0.54 -28.48
C VAL B 10 -30.46 1.74 -28.35
N GLU B 11 -29.85 2.88 -28.03
CA GLU B 11 -30.59 4.12 -27.86
C GLU B 11 -30.74 4.85 -29.18
N SER B 12 -31.86 5.58 -29.32
CA SER B 12 -32.12 6.45 -30.47
C SER B 12 -32.86 7.68 -29.99
N GLY B 13 -32.87 8.71 -30.82
CA GLY B 13 -33.71 9.86 -30.57
C GLY B 13 -32.93 11.15 -30.31
N GLY B 14 -31.63 11.00 -30.04
CA GLY B 14 -30.80 12.15 -29.79
C GLY B 14 -30.61 12.96 -31.06
N GLY B 15 -30.00 14.14 -30.94
CA GLY B 15 -29.75 15.03 -32.05
C GLY B 15 -29.49 16.38 -31.45
N LEU B 16 -29.48 17.38 -32.30
CA LEU B 16 -29.36 18.76 -31.87
C LEU B 16 -30.75 19.30 -31.53
N VAL B 17 -30.90 19.93 -30.36
CA VAL B 17 -32.19 20.50 -29.97
C VAL B 17 -31.93 21.94 -29.58
N GLN B 18 -32.93 22.78 -29.79
CA GLN B 18 -32.86 24.17 -29.37
C GLN B 18 -33.37 24.31 -27.94
N PRO B 19 -32.72 25.20 -27.17
CA PRO B 19 -33.16 25.54 -25.81
C PRO B 19 -34.65 25.80 -25.83
N GLY B 20 -35.38 25.10 -24.97
CA GLY B 20 -36.83 25.18 -24.97
C GLY B 20 -37.51 24.09 -25.77
N GLY B 21 -36.73 23.39 -26.58
CA GLY B 21 -37.28 22.41 -27.49
C GLY B 21 -37.54 21.06 -26.85
N SER B 22 -37.98 20.14 -27.70
CA SER B 22 -38.42 18.82 -27.27
C SER B 22 -37.56 17.70 -27.82
N LEU B 23 -37.50 16.58 -27.10
CA LEU B 23 -36.92 15.33 -27.63
C LEU B 23 -37.61 14.09 -27.10
N ARG B 24 -37.59 12.99 -27.87
CA ARG B 24 -38.11 11.69 -27.38
C ARG B 24 -37.09 10.61 -27.58
N LEU B 25 -36.46 10.19 -26.48
CA LEU B 25 -35.46 9.12 -26.54
C LEU B 25 -36.11 7.75 -26.40
N SER B 26 -35.56 6.77 -27.11
CA SER B 26 -36.08 5.42 -27.03
C SER B 26 -34.87 4.48 -26.99
N CYS B 27 -35.04 3.34 -26.33
CA CYS B 27 -34.01 2.32 -26.29
C CYS B 27 -34.64 0.97 -26.37
N VAL B 28 -34.11 0.17 -27.25
CA VAL B 28 -34.59 -1.16 -27.47
C VAL B 28 -33.54 -2.12 -26.97
N VAL B 29 -33.98 -3.07 -26.18
CA VAL B 29 -33.10 -3.99 -25.52
C VAL B 29 -33.24 -5.35 -26.11
N SER B 30 -32.11 -5.95 -26.41
CA SER B 30 -32.06 -7.26 -26.97
C SER B 30 -31.81 -8.21 -25.85
N GLY B 31 -32.62 -9.24 -25.72
CA GLY B 31 -32.41 -10.20 -24.69
C GLY B 31 -33.72 -10.75 -24.21
N SER B 32 -33.78 -11.13 -22.95
CA SER B 32 -34.96 -11.74 -22.43
C SER B 32 -35.29 -11.16 -21.09
N ASP B 33 -36.53 -11.30 -20.67
CA ASP B 33 -36.90 -10.85 -19.36
C ASP B 33 -36.49 -9.41 -19.19
N PHE B 34 -36.82 -8.61 -20.18
CA PHE B 34 -36.61 -7.21 -20.14
C PHE B 34 -37.39 -6.70 -18.93
N ASN B 35 -38.52 -7.30 -18.65
CA ASN B 35 -39.35 -6.81 -17.56
C ASN B 35 -38.84 -7.21 -16.22
N THR B 36 -37.64 -7.77 -16.19
CA THR B 36 -36.94 -8.14 -14.97
C THR B 36 -36.09 -6.97 -14.50
N TYR B 37 -35.80 -6.07 -15.43
CA TYR B 37 -34.81 -5.04 -15.18
C TYR B 37 -35.38 -3.70 -14.74
N ILE B 38 -34.59 -3.02 -13.92
CA ILE B 38 -34.71 -1.61 -13.64
C ILE B 38 -34.08 -0.78 -14.78
N MET B 39 -34.93 -0.14 -15.59
CA MET B 39 -34.46 0.56 -16.76
C MET B 39 -34.18 1.99 -16.40
N GLY B 40 -33.07 2.52 -16.91
CA GLY B 40 -32.71 3.89 -16.59
C GLY B 40 -32.12 4.66 -17.76
N TRP B 41 -32.21 5.98 -17.64
CA TRP B 41 -31.51 6.88 -18.51
C TRP B 41 -30.52 7.73 -17.72
N TYR B 42 -29.27 7.69 -18.14
CA TYR B 42 -28.24 8.48 -17.51
C TYR B 42 -27.61 9.44 -18.52
N ARG B 43 -27.21 10.61 -18.04
CA ARG B 43 -26.55 11.61 -18.89
C ARG B 43 -25.06 11.60 -18.58
N GLN B 44 -24.24 11.57 -19.63
CA GLN B 44 -22.79 11.65 -19.42
C GLN B 44 -22.11 12.67 -20.34
N VAL B 45 -21.29 13.54 -19.75
CA VAL B 45 -20.50 14.53 -20.50
C VAL B 45 -19.00 14.13 -20.43
N PRO B 46 -18.19 14.47 -21.46
CA PRO B 46 -16.80 14.01 -21.38
C PRO B 46 -16.06 14.39 -20.08
N GLY B 47 -15.42 13.43 -19.48
CA GLY B 47 -14.58 13.70 -18.32
C GLY B 47 -15.38 13.75 -17.03
N LYS B 48 -16.62 13.25 -17.08
CA LYS B 48 -17.53 13.28 -15.94
C LYS B 48 -18.24 11.93 -15.76
N PRO B 49 -18.65 11.59 -14.52
CA PRO B 49 -19.41 10.37 -14.31
C PRO B 49 -20.79 10.41 -14.96
N ARG B 50 -21.36 9.23 -15.22
CA ARG B 50 -22.77 9.12 -15.56
C ARG B 50 -23.61 9.69 -14.44
N GLU B 51 -24.75 10.27 -14.84
CA GLU B 51 -25.62 10.89 -13.87
C GLU B 51 -27.07 10.51 -14.18
N LEU B 52 -27.76 10.06 -13.14
CA LEU B 52 -29.10 9.55 -13.34
C LEU B 52 -30.01 10.68 -13.80
N VAL B 53 -30.74 10.41 -14.86
CA VAL B 53 -31.79 11.37 -15.26
C VAL B 53 -33.15 10.86 -14.83
N ALA B 54 -33.41 9.59 -15.14
CA ALA B 54 -34.65 8.95 -14.77
C ALA B 54 -34.52 7.45 -14.79
N ASP B 55 -35.28 6.74 -13.97
CA ASP B 55 -35.28 5.28 -14.03
C ASP B 55 -36.67 4.77 -13.63
N ILE B 56 -36.93 3.51 -13.92
CA ILE B 56 -38.27 2.98 -13.76
C ILE B 56 -38.15 1.53 -13.31
N THR B 57 -38.88 1.24 -12.23
CA THR B 57 -38.84 -0.07 -11.59
C THR B 57 -39.56 -1.09 -12.43
N THR B 58 -39.45 -2.35 -12.01
CA THR B 58 -40.08 -3.44 -12.71
C THR B 58 -41.60 -3.29 -12.65
N GLU B 59 -42.06 -2.50 -11.70
CA GLU B 59 -43.50 -2.29 -11.48
C GLU B 59 -43.98 -0.98 -12.08
N GLY B 60 -43.12 -0.32 -12.86
CA GLY B 60 -43.45 0.97 -13.44
C GLY B 60 -43.24 2.19 -12.55
N LYS B 61 -42.65 2.03 -11.38
CA LYS B 61 -42.47 3.19 -10.50
C LYS B 61 -41.31 4.08 -10.98
N THR B 62 -41.56 5.38 -11.11
CA THR B 62 -40.55 6.26 -11.70
C THR B 62 -39.80 7.13 -10.69
N ASN B 63 -38.58 7.49 -11.05
CA ASN B 63 -37.72 8.32 -10.25
C ASN B 63 -36.93 9.27 -11.16
N TYR B 64 -36.67 10.50 -10.73
CA TYR B 64 -36.06 11.50 -11.62
C TYR B 64 -34.97 12.27 -10.90
N GLY B 65 -33.94 12.70 -11.64
CA GLY B 65 -32.92 13.61 -11.14
C GLY B 65 -33.49 14.96 -10.70
N GLY B 66 -32.77 15.59 -9.75
CA GLY B 66 -33.19 16.86 -9.16
C GLY B 66 -33.36 18.00 -10.16
N SER B 67 -32.71 17.90 -11.31
CA SER B 67 -32.81 18.94 -12.35
C SER B 67 -34.01 18.79 -13.31
N VAL B 68 -34.64 17.62 -13.31
CA VAL B 68 -35.70 17.35 -14.26
C VAL B 68 -36.92 18.22 -13.98
N LYS B 69 -37.32 18.25 -12.70
CA LYS B 69 -38.44 19.06 -12.23
C LYS B 69 -39.67 18.96 -13.12
N GLY B 70 -40.12 17.73 -13.36
CA GLY B 70 -41.37 17.52 -14.06
C GLY B 70 -41.27 17.64 -15.58
N ARG B 71 -40.11 18.04 -16.10
CA ARG B 71 -39.99 18.33 -17.56
C ARG B 71 -39.97 17.09 -18.45
N PHE B 72 -39.50 15.96 -17.91
CA PHE B 72 -39.38 14.73 -18.67
C PHE B 72 -40.27 13.66 -18.10
N THR B 73 -40.55 12.66 -18.92
CA THR B 73 -41.31 11.48 -18.47
C THR B 73 -40.62 10.21 -18.96
N ILE B 74 -40.33 9.29 -18.05
CA ILE B 74 -39.80 7.99 -18.42
C ILE B 74 -40.93 6.98 -18.44
N SER B 75 -40.89 6.06 -19.37
CA SER B 75 -41.96 5.08 -19.51
C SER B 75 -41.34 3.83 -20.08
N ARG B 76 -41.97 2.69 -19.85
CA ARG B 76 -41.48 1.44 -20.40
C ARG B 76 -42.63 0.64 -21.04
N ASP B 77 -42.28 -0.07 -22.11
CA ASP B 77 -43.20 -0.96 -22.79
C ASP B 77 -42.58 -2.35 -22.84
N ASN B 78 -43.07 -3.22 -21.96
CA ASN B 78 -42.54 -4.56 -21.78
C ASN B 78 -42.73 -5.51 -22.96
N ALA B 79 -43.78 -5.29 -23.74
CA ALA B 79 -44.04 -6.14 -24.88
C ALA B 79 -43.13 -5.76 -26.05
N LYS B 80 -42.52 -4.59 -25.97
CA LYS B 80 -41.63 -4.13 -27.02
C LYS B 80 -40.19 -3.99 -26.55
N ASN B 81 -39.93 -4.38 -25.30
CA ASN B 81 -38.59 -4.28 -24.74
C ASN B 81 -38.01 -2.89 -24.91
N THR B 82 -38.83 -1.87 -24.73
CA THR B 82 -38.37 -0.51 -24.98
C THR B 82 -38.62 0.40 -23.78
N VAL B 83 -37.64 1.28 -23.53
CA VAL B 83 -37.79 2.36 -22.60
C VAL B 83 -37.78 3.65 -23.36
N TYR B 84 -38.47 4.61 -22.79
CA TYR B 84 -38.67 5.88 -23.44
C TYR B 84 -38.32 6.98 -22.49
N LEU B 85 -37.74 8.03 -23.04
CA LEU B 85 -37.68 9.25 -22.25
C LEU B 85 -38.22 10.43 -23.04
N GLN B 86 -39.42 10.88 -22.69
CA GLN B 86 -40.02 12.06 -23.31
C GLN B 86 -39.51 13.33 -22.64
N MET B 87 -38.92 14.22 -23.43
CA MET B 87 -38.27 15.39 -22.85
C MET B 87 -38.82 16.71 -23.36
N PHE B 88 -39.21 17.61 -22.46
CA PHE B 88 -39.63 18.93 -22.93
C PHE B 88 -38.80 20.02 -22.25
N GLY B 89 -38.88 21.23 -22.81
CA GLY B 89 -38.17 22.38 -22.29
C GLY B 89 -36.68 22.15 -22.07
N LEU B 90 -35.99 21.70 -23.11
CA LEU B 90 -34.57 21.36 -22.98
C LEU B 90 -33.73 22.59 -22.64
N LYS B 91 -32.73 22.40 -21.77
CA LYS B 91 -31.84 23.49 -21.42
C LYS B 91 -30.41 23.13 -21.77
N PRO B 92 -29.53 24.13 -21.87
CA PRO B 92 -28.09 23.86 -22.03
C PRO B 92 -27.51 22.86 -21.02
N GLU B 93 -28.09 22.79 -19.81
CA GLU B 93 -27.63 21.82 -18.79
C GLU B 93 -27.97 20.36 -19.09
N ASP B 94 -28.94 20.13 -19.97
CA ASP B 94 -29.38 18.79 -20.33
C ASP B 94 -28.49 18.14 -21.41
N ALA B 95 -27.62 18.93 -22.01
CA ALA B 95 -26.73 18.42 -23.04
C ALA B 95 -25.82 17.30 -22.49
N GLY B 96 -25.60 16.29 -23.33
CA GLY B 96 -24.78 15.14 -22.96
C GLY B 96 -25.17 13.87 -23.70
N ASN B 97 -24.39 12.83 -23.47
CA ASN B 97 -24.67 11.53 -24.05
C ASN B 97 -25.73 10.85 -23.17
N TYR B 98 -26.82 10.40 -23.77
CA TYR B 98 -27.90 9.85 -22.96
C TYR B 98 -27.83 8.33 -23.07
N VAL B 99 -27.46 7.70 -21.96
CA VAL B 99 -27.14 6.28 -21.94
C VAL B 99 -28.18 5.53 -21.14
N CYS B 100 -28.72 4.49 -21.76
CA CYS B 100 -29.71 3.63 -21.15
C CYS B 100 -29.00 2.54 -20.36
N ASN B 101 -29.63 2.16 -19.25
CA ASN B 101 -29.04 1.26 -18.26
C ASN B 101 -30.05 0.15 -17.92
N ALA B 102 -29.59 -1.11 -17.91
CA ALA B 102 -30.44 -2.21 -17.40
C ALA B 102 -29.78 -2.71 -16.11
N ASP B 103 -30.48 -2.59 -15.00
CA ASP B 103 -29.94 -2.97 -13.66
C ASP B 103 -30.95 -3.88 -13.01
N TRP B 104 -30.55 -4.51 -11.91
CA TRP B 104 -31.44 -5.40 -11.19
C TRP B 104 -30.93 -5.62 -9.78
N LYS B 105 -31.79 -6.14 -8.93
CA LYS B 105 -31.48 -6.40 -7.53
C LYS B 105 -30.62 -7.63 -7.41
N MET B 106 -29.61 -7.61 -6.57
CA MET B 106 -29.02 -8.85 -6.13
C MET B 106 -28.73 -8.73 -4.64
N GLY B 107 -29.65 -9.25 -3.85
CA GLY B 107 -29.51 -9.23 -2.41
C GLY B 107 -29.66 -7.80 -1.96
N ALA B 108 -28.70 -7.36 -1.15
CA ALA B 108 -28.68 -6.04 -0.54
C ALA B 108 -28.21 -4.98 -1.52
N TRP B 109 -27.63 -5.44 -2.63
CA TRP B 109 -27.03 -4.56 -3.62
C TRP B 109 -27.78 -4.65 -4.94
N THR B 110 -27.46 -3.76 -5.88
CA THR B 110 -27.89 -3.93 -7.27
C THR B 110 -26.71 -4.38 -8.09
N ALA B 111 -27.02 -4.95 -9.25
CA ALA B 111 -25.99 -5.36 -10.17
C ALA B 111 -25.12 -4.15 -10.50
N GLY B 112 -25.73 -2.95 -10.58
CA GLY B 112 -24.98 -1.72 -10.83
C GLY B 112 -23.91 -1.54 -9.74
N ASP B 113 -24.25 -1.82 -8.51
CA ASP B 113 -23.29 -1.68 -7.43
C ASP B 113 -22.10 -2.60 -7.49
N TYR B 114 -22.30 -3.83 -7.92
CA TYR B 114 -21.26 -4.75 -8.22
C TYR B 114 -20.43 -4.30 -9.40
N GLY B 115 -21.11 -3.70 -10.36
CA GLY B 115 -20.50 -3.27 -11.58
C GLY B 115 -20.81 -4.09 -12.80
N ILE B 116 -21.73 -5.02 -12.69
CA ILE B 116 -22.00 -5.96 -13.74
C ILE B 116 -23.26 -5.72 -14.56
N ASP B 117 -23.83 -4.55 -14.45
CA ASP B 117 -25.08 -4.22 -15.12
C ASP B 117 -24.77 -3.75 -16.53
N TYR B 118 -25.83 -3.48 -17.30
CA TYR B 118 -25.72 -3.25 -18.73
C TYR B 118 -25.88 -1.78 -19.10
N TRP B 119 -25.08 -1.34 -20.07
CA TRP B 119 -25.11 0.05 -20.51
C TRP B 119 -24.98 0.07 -22.02
N GLY B 120 -25.75 0.97 -22.67
CA GLY B 120 -25.68 1.16 -24.11
C GLY B 120 -24.56 2.14 -24.43
N LYS B 121 -24.31 2.37 -25.71
CA LYS B 121 -23.32 3.35 -26.09
C LYS B 121 -23.87 4.77 -25.92
N GLY B 122 -25.19 4.91 -26.00
CA GLY B 122 -25.83 6.18 -25.78
C GLY B 122 -26.35 6.82 -27.05
N THR B 123 -27.16 7.87 -26.89
CA THR B 123 -27.55 8.70 -28.02
C THR B 123 -27.23 10.14 -27.60
N LEU B 124 -26.49 10.86 -28.45
CA LEU B 124 -26.00 12.18 -28.05
C LEU B 124 -27.06 13.28 -28.09
N VAL B 125 -27.14 14.07 -27.04
CA VAL B 125 -28.00 15.23 -27.05
C VAL B 125 -27.14 16.49 -27.01
N THR B 126 -27.28 17.32 -28.03
CA THR B 126 -26.64 18.64 -28.10
C THR B 126 -27.68 19.77 -28.12
N VAL B 127 -27.39 20.84 -27.39
CA VAL B 127 -28.26 22.00 -27.26
C VAL B 127 -27.55 23.21 -27.86
N SER B 128 -28.18 23.79 -28.88
CA SER B 128 -27.59 24.86 -29.65
C SER B 128 -27.53 26.19 -28.91
N SER B 129 -26.69 27.10 -29.37
CA SER B 129 -26.68 28.44 -28.80
C SER B 129 -27.74 29.35 -29.42
N LEU B 142 -13.97 28.16 -38.72
CA LEU B 142 -13.21 27.08 -39.36
C LEU B 142 -13.56 25.73 -38.75
N GLN B 143 -13.56 24.69 -39.59
CA GLN B 143 -13.87 23.34 -39.14
C GLN B 143 -13.35 22.30 -40.12
N LEU B 144 -12.67 21.28 -39.59
CA LEU B 144 -12.12 20.20 -40.43
C LEU B 144 -13.16 19.15 -40.85
N VAL B 145 -13.08 18.70 -42.10
CA VAL B 145 -13.87 17.58 -42.58
C VAL B 145 -12.94 16.39 -42.85
N GLU B 146 -13.48 15.18 -42.74
CA GLU B 146 -12.69 13.97 -42.95
C GLU B 146 -13.43 12.96 -43.84
N SER B 147 -12.70 11.97 -44.34
CA SER B 147 -13.31 10.99 -45.23
C SER B 147 -12.38 9.85 -45.60
N GLY B 148 -12.89 8.85 -46.28
CA GLY B 148 -12.05 7.74 -46.71
C GLY B 148 -12.15 6.50 -45.83
N GLY B 149 -13.02 6.56 -44.82
CA GLY B 149 -13.19 5.41 -43.95
C GLY B 149 -14.06 4.37 -44.61
N GLY B 150 -14.30 3.26 -43.93
CA GLY B 150 -15.13 2.20 -44.47
C GLY B 150 -14.84 0.85 -43.84
N LEU B 151 -15.34 -0.20 -44.46
CA LEU B 151 -15.16 -1.53 -43.93
C LEU B 151 -14.21 -2.30 -44.85
N VAL B 152 -13.15 -2.85 -44.25
CA VAL B 152 -12.15 -3.58 -45.00
C VAL B 152 -11.83 -4.90 -44.28
N HIS B 153 -11.36 -5.87 -45.04
CA HIS B 153 -10.87 -7.11 -44.45
C HIS B 153 -9.53 -6.80 -43.78
N PRO B 154 -9.12 -7.65 -42.81
CA PRO B 154 -7.74 -7.61 -42.29
C PRO B 154 -6.70 -7.79 -43.43
N GLY B 155 -5.61 -7.02 -43.40
CA GLY B 155 -4.64 -7.06 -44.49
C GLY B 155 -5.00 -6.09 -45.61
N GLY B 156 -6.22 -5.57 -45.55
CA GLY B 156 -6.68 -4.57 -46.50
C GLY B 156 -6.11 -3.17 -46.31
N SER B 157 -6.57 -2.26 -47.17
CA SER B 157 -6.10 -0.89 -47.20
C SER B 157 -7.25 0.11 -47.24
N LEU B 158 -7.02 1.25 -46.60
CA LEU B 158 -7.87 2.42 -46.61
C LEU B 158 -7.00 3.68 -46.64
N ARG B 159 -7.50 4.75 -47.26
CA ARG B 159 -6.84 6.06 -47.22
C ARG B 159 -7.79 7.10 -46.60
N LEU B 160 -7.40 7.65 -45.46
CA LEU B 160 -8.19 8.66 -44.76
C LEU B 160 -7.77 10.03 -45.24
N SER B 161 -8.71 10.98 -45.33
CA SER B 161 -8.36 12.32 -45.80
C SER B 161 -9.09 13.42 -45.03
N CYS B 162 -8.40 14.55 -44.81
CA CYS B 162 -8.99 15.69 -44.11
C CYS B 162 -8.62 17.04 -44.69
N ALA B 163 -9.59 17.89 -44.79
CA ALA B 163 -9.33 19.19 -45.26
C ALA B 163 -10.22 20.07 -44.48
N PRO B 164 -9.90 21.36 -44.44
CA PRO B 164 -10.70 22.34 -43.70
C PRO B 164 -11.75 23.00 -44.58
N SER B 165 -12.83 23.47 -43.97
CA SER B 165 -13.91 24.13 -44.70
C SER B 165 -14.17 25.53 -44.17
N SER B 170 -8.32 31.29 -44.09
CA SER B 170 -8.75 32.33 -43.18
C SER B 170 -7.64 33.36 -42.94
N THR B 171 -7.97 34.38 -42.16
CA THR B 171 -7.01 35.43 -41.81
C THR B 171 -7.21 35.80 -40.35
N PRO B 172 -6.17 36.31 -39.71
CA PRO B 172 -4.86 36.59 -40.33
C PRO B 172 -3.97 35.35 -40.55
N PHE B 173 -4.24 34.24 -39.85
CA PHE B 173 -3.47 33.02 -40.07
C PHE B 173 -4.33 31.91 -40.64
N ASN B 174 -3.68 30.95 -41.30
CA ASN B 174 -4.31 29.68 -41.59
C ASN B 174 -3.64 28.64 -40.72
N PRO B 175 -4.31 28.38 -39.58
CA PRO B 175 -3.76 27.39 -38.67
C PRO B 175 -3.67 26.00 -39.30
N PHE B 176 -4.48 25.69 -40.32
CA PHE B 176 -4.37 24.39 -40.98
C PHE B 176 -2.91 24.25 -41.42
N ASN B 177 -2.22 25.36 -41.70
CA ASN B 177 -0.82 25.28 -42.13
C ASN B 177 0.06 24.65 -41.02
N ASN B 178 -0.41 24.73 -39.78
CA ASN B 178 0.40 24.28 -38.63
C ASN B 178 0.33 22.78 -38.40
N MET B 179 1.04 22.27 -37.38
CA MET B 179 1.10 20.83 -37.21
C MET B 179 -0.34 20.26 -37.06
N VAL B 180 -0.58 19.13 -37.72
CA VAL B 180 -1.86 18.44 -37.75
C VAL B 180 -1.67 16.97 -37.33
N GLY B 181 -2.57 16.43 -36.51
CA GLY B 181 -2.52 15.03 -36.15
C GLY B 181 -3.80 14.26 -36.48
N TRP B 182 -3.61 12.98 -36.78
CA TRP B 182 -4.71 12.00 -36.87
C TRP B 182 -4.80 11.19 -35.56
N TYR B 183 -6.04 11.01 -35.08
CA TYR B 183 -6.31 10.33 -33.81
C TYR B 183 -7.29 9.20 -34.01
N ARG B 184 -7.42 8.36 -32.99
CA ARG B 184 -8.26 7.14 -33.01
C ARG B 184 -9.04 7.13 -31.71
N GLN B 185 -10.28 6.67 -31.75
CA GLN B 185 -11.01 6.39 -30.51
C GLN B 185 -12.02 5.27 -30.73
N ALA B 186 -11.89 4.22 -29.92
CA ALA B 186 -12.88 3.18 -29.93
C ALA B 186 -13.80 3.34 -28.68
N PRO B 187 -15.08 2.93 -28.81
CA PRO B 187 -16.03 3.09 -27.70
C PRO B 187 -15.50 2.49 -26.39
N GLY B 188 -15.61 3.28 -25.33
CA GLY B 188 -15.19 2.85 -24.01
C GLY B 188 -13.72 3.09 -23.70
N LYS B 189 -12.98 3.58 -24.69
CA LYS B 189 -11.54 3.75 -24.56
C LYS B 189 -11.14 5.17 -24.83
N GLN B 190 -10.05 5.61 -24.20
CA GLN B 190 -9.60 6.96 -24.37
C GLN B 190 -9.04 7.14 -25.78
N ARG B 191 -9.05 8.37 -26.23
CA ARG B 191 -8.54 8.72 -27.56
C ARG B 191 -7.00 8.56 -27.63
N GLU B 192 -6.45 8.21 -28.81
CA GLU B 192 -5.01 8.14 -28.97
C GLU B 192 -4.60 8.73 -30.30
N MET B 193 -3.38 9.25 -30.33
CA MET B 193 -2.82 9.76 -31.59
C MET B 193 -2.38 8.59 -32.46
N VAL B 194 -2.58 8.70 -33.78
CA VAL B 194 -2.10 7.66 -34.66
C VAL B 194 -0.87 8.18 -35.43
N ALA B 195 -0.93 9.46 -35.78
CA ALA B 195 0.15 10.11 -36.53
C ALA B 195 0.01 11.63 -36.50
N SER B 196 1.14 12.32 -36.55
CA SER B 196 1.16 13.76 -36.58
C SER B 196 2.15 14.14 -37.66
N ILE B 197 1.93 15.28 -38.31
CA ILE B 197 2.87 15.78 -39.30
C ILE B 197 3.06 17.30 -39.13
N GLY B 198 4.30 17.69 -38.90
CA GLY B 198 4.65 19.11 -38.77
C GLY B 198 6.08 19.21 -39.22
N LEU B 199 6.97 19.82 -38.44
CA LEU B 199 8.41 19.72 -38.74
C LEU B 199 8.85 18.26 -38.80
N ARG B 200 8.21 17.43 -37.95
CA ARG B 200 8.47 16.01 -37.92
C ARG B 200 7.19 15.23 -38.21
N ILE B 201 7.41 13.99 -38.61
CA ILE B 201 6.35 13.02 -38.80
C ILE B 201 6.48 12.05 -37.64
N ASN B 202 5.43 11.90 -36.86
CA ASN B 202 5.45 10.94 -35.77
C ASN B 202 4.32 9.94 -35.90
N TYR B 203 4.60 8.67 -35.55
CA TYR B 203 3.60 7.57 -35.58
C TYR B 203 3.46 6.85 -34.22
N ALA B 204 2.23 6.45 -33.87
CA ALA B 204 2.03 5.53 -32.73
C ALA B 204 2.86 4.27 -32.98
N ASP B 205 3.30 3.60 -31.93
CA ASP B 205 4.18 2.47 -32.15
C ASP B 205 3.46 1.32 -32.88
N SER B 206 2.17 1.16 -32.56
CA SER B 206 1.31 0.10 -33.13
C SER B 206 1.07 0.19 -34.66
N VAL B 207 1.56 1.25 -35.28
CA VAL B 207 1.08 1.66 -36.59
C VAL B 207 2.29 1.86 -37.55
N LYS B 208 3.49 1.85 -36.93
CA LYS B 208 4.73 2.14 -37.65
C LYS B 208 5.04 1.06 -38.69
N GLY B 209 5.34 1.49 -39.91
CA GLY B 209 5.56 0.55 -40.99
C GLY B 209 4.27 0.21 -41.72
N ARG B 210 3.11 0.52 -41.13
CA ARG B 210 1.84 0.20 -41.76
C ARG B 210 1.08 1.43 -42.26
N PHE B 211 1.11 2.51 -41.47
CA PHE B 211 0.42 3.73 -41.86
C PHE B 211 1.41 4.80 -42.33
N THR B 212 0.93 5.67 -43.20
CA THR B 212 1.69 6.78 -43.74
C THR B 212 0.84 8.04 -43.75
N ILE B 213 1.28 9.05 -43.00
CA ILE B 213 0.63 10.35 -43.05
C ILE B 213 1.34 11.26 -44.07
N SER B 214 0.57 12.12 -44.74
CA SER B 214 1.16 12.98 -45.78
C SER B 214 0.32 14.22 -46.01
N ARG B 215 0.90 15.15 -46.76
CA ARG B 215 0.25 16.40 -47.09
C ARG B 215 0.17 16.59 -48.59
N ASP B 216 -0.95 17.14 -49.03
CA ASP B 216 -1.14 17.44 -50.43
C ASP B 216 -1.44 18.92 -50.51
N ASN B 217 -0.45 19.72 -50.90
CA ASN B 217 -0.67 21.16 -50.94
C ASN B 217 -1.72 21.59 -52.00
N ALA B 218 -1.68 20.94 -53.14
CA ALA B 218 -2.58 21.28 -54.20
C ALA B 218 -4.01 21.07 -53.76
N LYS B 219 -4.24 19.87 -53.23
CA LYS B 219 -5.52 19.43 -52.72
C LYS B 219 -5.82 19.98 -51.36
N ASN B 220 -4.82 20.54 -50.66
CA ASN B 220 -5.12 21.18 -49.38
C ASN B 220 -5.62 20.13 -48.32
N THR B 221 -5.02 18.96 -48.33
CA THR B 221 -5.45 17.89 -47.43
C THR B 221 -4.39 17.29 -46.51
N VAL B 222 -4.76 16.79 -45.34
CA VAL B 222 -3.80 15.94 -44.66
C VAL B 222 -4.35 14.51 -44.76
N ASP B 223 -3.57 13.58 -45.34
CA ASP B 223 -4.05 12.20 -45.56
C ASP B 223 -3.40 11.12 -44.65
N LEU B 224 -4.16 10.05 -44.38
CA LEU B 224 -3.60 8.88 -43.69
C LEU B 224 -3.82 7.61 -44.47
N GLN B 225 -2.78 7.16 -45.17
CA GLN B 225 -2.75 5.85 -45.82
C GLN B 225 -2.60 4.74 -44.78
N MET B 226 -3.50 3.77 -44.85
CA MET B 226 -3.52 2.66 -43.90
C MET B 226 -3.47 1.31 -44.62
N ASP B 227 -2.33 0.62 -44.48
CA ASP B 227 -2.12 -0.70 -45.08
C ASP B 227 -2.00 -1.77 -44.01
N SER B 228 -2.10 -3.05 -44.40
CA SER B 228 -2.06 -4.17 -43.45
C SER B 228 -2.97 -3.93 -42.25
N LEU B 229 -4.20 -3.50 -42.51
CA LEU B 229 -5.13 -3.18 -41.44
C LEU B 229 -5.41 -4.44 -40.60
N ARG B 230 -5.67 -4.20 -39.32
CA ARG B 230 -5.95 -5.26 -38.36
C ARG B 230 -7.28 -4.94 -37.65
N PRO B 231 -7.98 -5.98 -37.12
CA PRO B 231 -9.20 -5.77 -36.32
C PRO B 231 -9.01 -4.67 -35.26
N GLU B 232 -7.84 -4.66 -34.64
CA GLU B 232 -7.56 -3.70 -33.59
C GLU B 232 -7.39 -2.25 -34.03
N ASP B 233 -7.31 -2.01 -35.34
CA ASP B 233 -7.29 -0.67 -35.92
C ASP B 233 -8.68 -0.07 -35.95
N SER B 234 -9.68 -0.89 -35.66
CA SER B 234 -11.06 -0.47 -35.76
C SER B 234 -11.40 0.56 -34.77
N ALA B 235 -11.88 1.70 -35.24
CA ALA B 235 -12.10 2.87 -34.41
C ALA B 235 -12.57 4.04 -35.26
N THR B 236 -13.09 5.08 -34.62
CA THR B 236 -13.41 6.30 -35.34
C THR B 236 -12.17 7.19 -35.32
N TYR B 237 -11.66 7.51 -36.51
CA TYR B 237 -10.46 8.33 -36.63
C TYR B 237 -10.80 9.78 -36.84
N TYR B 238 -10.11 10.68 -36.12
CA TYR B 238 -10.32 12.14 -36.15
C TYR B 238 -9.08 12.94 -36.58
N CYS B 239 -9.31 13.99 -37.36
CA CYS B 239 -8.21 14.93 -37.66
C CYS B 239 -8.25 16.18 -36.73
N HIS B 240 -7.07 16.76 -36.46
CA HIS B 240 -6.87 17.74 -35.38
C HIS B 240 -5.74 18.72 -35.73
N ILE B 241 -5.91 20.02 -35.50
CA ILE B 241 -4.77 20.94 -35.50
C ILE B 241 -4.15 20.97 -34.12
N GLU B 242 -2.89 20.57 -34.02
CA GLU B 242 -2.30 20.34 -32.68
C GLU B 242 -2.32 21.57 -31.78
N TYR B 243 -2.56 21.36 -30.49
CA TYR B 243 -2.50 22.41 -29.44
C TYR B 243 -3.62 23.44 -29.62
N THR B 244 -4.67 23.04 -30.34
CA THR B 244 -5.87 23.86 -30.53
C THR B 244 -7.16 23.11 -30.19
N HIS B 245 -8.31 23.77 -30.35
CA HIS B 245 -9.60 23.07 -30.18
C HIS B 245 -10.22 22.60 -31.51
N TYR B 246 -9.47 22.79 -32.61
CA TYR B 246 -9.92 22.34 -33.92
C TYR B 246 -9.87 20.81 -34.11
N TRP B 247 -11.07 20.23 -34.21
CA TRP B 247 -11.28 18.79 -34.38
C TRP B 247 -12.30 18.49 -35.51
N GLY B 248 -12.10 17.40 -36.26
CA GLY B 248 -13.09 16.97 -37.24
C GLY B 248 -14.11 16.07 -36.55
N LYS B 249 -15.20 15.77 -37.24
CA LYS B 249 -16.33 15.00 -36.72
C LYS B 249 -15.96 13.52 -36.56
N GLY B 250 -15.04 13.06 -37.39
CA GLY B 250 -14.68 11.65 -37.38
C GLY B 250 -15.14 10.88 -38.61
N THR B 251 -14.53 9.71 -38.79
CA THR B 251 -14.89 8.78 -39.86
C THR B 251 -14.67 7.33 -39.36
N LEU B 252 -15.74 6.53 -39.40
CA LEU B 252 -15.66 5.17 -38.94
C LEU B 252 -14.69 4.35 -39.76
N VAL B 253 -13.76 3.68 -39.07
CA VAL B 253 -12.95 2.65 -39.69
C VAL B 253 -13.22 1.28 -39.05
N THR B 254 -13.62 0.31 -39.86
CA THR B 254 -13.94 -1.03 -39.39
C THR B 254 -13.13 -2.09 -40.12
N VAL B 255 -12.27 -2.80 -39.40
CA VAL B 255 -11.47 -3.84 -39.99
C VAL B 255 -12.01 -5.19 -39.51
N SER B 256 -12.73 -5.90 -40.38
CA SER B 256 -13.29 -7.19 -40.01
C SER B 256 -13.39 -8.20 -41.16
N SER B 257 -13.19 -9.47 -40.85
CA SER B 257 -13.39 -10.50 -41.84
C SER B 257 -14.86 -10.87 -41.89
N GLU B 258 -15.31 -11.41 -43.01
CA GLU B 258 -16.73 -11.79 -43.19
C GLU B 258 -17.10 -12.91 -42.21
N PRO B 259 -18.34 -12.98 -41.75
CA PRO B 259 -18.68 -13.79 -40.57
C PRO B 259 -18.37 -15.28 -40.70
N LYS B 260 -18.66 -15.87 -41.85
CA LYS B 260 -18.41 -17.29 -42.09
C LYS B 260 -18.58 -18.09 -40.81
N GLN C 3 21.21 -31.01 26.72
CA GLN C 3 19.95 -30.46 26.23
C GLN C 3 19.62 -29.22 27.02
N VAL C 4 18.49 -28.58 26.72
CA VAL C 4 18.28 -27.26 27.28
C VAL C 4 17.83 -27.31 28.74
N GLN C 5 18.54 -26.55 29.58
CA GLN C 5 18.22 -26.38 30.97
C GLN C 5 18.21 -24.92 31.43
N LEU C 6 17.15 -24.56 32.16
CA LEU C 6 17.09 -23.27 32.82
C LEU C 6 17.18 -23.48 34.32
N VAL C 7 18.14 -22.82 34.96
CA VAL C 7 18.32 -22.93 36.42
C VAL C 7 18.16 -21.57 37.09
N GLU C 8 17.18 -21.46 37.96
CA GLU C 8 16.90 -20.21 38.63
C GLU C 8 17.64 -20.15 39.97
N SER C 9 17.87 -18.94 40.45
CA SER C 9 18.42 -18.79 41.79
C SER C 9 17.85 -17.49 42.29
N GLY C 10 18.00 -17.23 43.60
CA GLY C 10 17.35 -16.11 44.24
C GLY C 10 15.97 -16.45 44.77
N GLY C 11 15.27 -15.45 45.30
CA GLY C 11 13.90 -15.64 45.77
C GLY C 11 13.88 -15.91 47.26
N GLY C 12 12.72 -16.32 47.77
CA GLY C 12 12.58 -16.52 49.20
C GLY C 12 11.63 -15.51 49.81
N LEU C 13 11.93 -15.11 51.04
CA LEU C 13 11.06 -14.22 51.78
C LEU C 13 11.51 -12.82 51.58
N VAL C 14 10.57 -11.88 51.50
CA VAL C 14 10.94 -10.46 51.30
C VAL C 14 9.89 -9.57 51.98
N GLN C 15 10.36 -8.52 52.62
CA GLN C 15 9.47 -7.60 53.32
C GLN C 15 8.64 -6.81 52.30
N VAL C 16 7.37 -6.56 52.61
CA VAL C 16 6.53 -5.71 51.78
C VAL C 16 7.24 -4.39 51.49
N GLY C 17 7.20 -3.97 50.24
CA GLY C 17 7.85 -2.75 49.86
C GLY C 17 9.33 -2.95 49.56
N GLY C 18 9.83 -4.17 49.83
CA GLY C 18 11.25 -4.48 49.62
C GLY C 18 11.66 -4.81 48.18
N SER C 19 12.91 -5.16 48.00
CA SER C 19 13.46 -5.54 46.70
C SER C 19 14.10 -6.90 46.78
N LEU C 20 14.10 -7.56 45.63
CA LEU C 20 14.46 -8.94 45.47
C LEU C 20 14.88 -9.09 44.03
N ARG C 21 15.97 -9.81 43.77
CA ARG C 21 16.26 -10.15 42.36
C ARG C 21 16.22 -11.67 42.11
N LEU C 22 15.51 -12.08 41.07
CA LEU C 22 15.58 -13.45 40.63
C LEU C 22 16.52 -13.53 39.42
N SER C 23 17.21 -14.67 39.32
CA SER C 23 18.16 -14.93 38.26
C SER C 23 17.91 -16.25 37.63
N CYS C 24 18.35 -16.39 36.38
CA CYS C 24 18.28 -17.66 35.67
C CYS C 24 19.46 -17.77 34.72
N VAL C 25 20.07 -18.95 34.67
CA VAL C 25 21.09 -19.22 33.68
C VAL C 25 20.60 -20.36 32.74
N VAL C 26 20.78 -20.15 31.45
CA VAL C 26 20.40 -21.14 30.46
C VAL C 26 21.63 -21.95 30.13
N SER C 27 21.49 -23.28 30.07
CA SER C 27 22.60 -24.08 29.56
C SER C 27 22.07 -25.01 28.47
N GLY C 28 22.96 -25.46 27.58
CA GLY C 28 22.59 -26.29 26.44
C GLY C 28 22.05 -25.54 25.23
N SER C 29 21.94 -24.23 25.34
CA SER C 29 21.45 -23.43 24.21
C SER C 29 22.04 -22.05 24.30
N ASP C 30 22.29 -21.42 23.15
CA ASP C 30 22.49 -19.99 23.15
C ASP C 30 21.11 -19.36 23.31
N ILE C 31 21.06 -18.12 23.78
CA ILE C 31 19.82 -17.40 23.90
C ILE C 31 19.75 -16.21 22.91
N SER C 32 20.88 -15.89 22.29
CA SER C 32 20.89 -14.99 21.13
C SER C 32 19.72 -15.24 20.17
N GLY C 33 18.95 -14.20 19.83
CA GLY C 33 17.81 -14.35 18.95
C GLY C 33 16.57 -15.03 19.50
N ILE C 34 16.57 -15.33 20.79
CA ILE C 34 15.40 -15.96 21.40
C ILE C 34 14.88 -15.11 22.55
N ALA C 35 13.55 -14.92 22.61
CA ALA C 35 12.99 -14.10 23.68
C ALA C 35 13.03 -14.90 24.97
N MET C 36 12.98 -14.18 26.08
CA MET C 36 12.91 -14.82 27.40
C MET C 36 11.84 -14.10 28.20
N GLY C 37 11.42 -14.71 29.31
CA GLY C 37 10.38 -14.08 30.08
C GLY C 37 10.34 -14.65 31.49
N TRP C 38 9.64 -13.92 32.36
CA TRP C 38 9.34 -14.39 33.71
C TRP C 38 7.85 -14.48 33.91
N TYR C 39 7.46 -15.55 34.59
CA TYR C 39 6.08 -15.86 34.83
C TYR C 39 5.88 -16.10 36.31
N ARG C 40 4.63 -16.13 36.77
CA ARG C 40 4.46 -16.47 38.19
C ARG C 40 3.12 -17.19 38.34
N GLN C 41 3.00 -18.00 39.38
CA GLN C 41 1.76 -18.72 39.58
C GLN C 41 1.55 -18.84 41.08
N ALA C 42 0.43 -18.26 41.52
CA ALA C 42 -0.03 -18.28 42.91
C ALA C 42 -0.95 -19.46 43.11
N PRO C 43 -1.12 -19.93 44.36
CA PRO C 43 -1.90 -21.18 44.49
C PRO C 43 -3.31 -21.07 43.94
N GLY C 44 -3.77 -22.10 43.22
CA GLY C 44 -5.13 -22.15 42.69
C GLY C 44 -5.27 -21.32 41.40
N LYS C 45 -4.29 -20.45 41.16
CA LYS C 45 -4.36 -19.50 40.05
C LYS C 45 -3.63 -19.93 38.78
N ARG C 46 -4.04 -19.30 37.69
CA ARG C 46 -3.41 -19.57 36.40
C ARG C 46 -2.04 -18.89 36.34
N ARG C 47 -1.06 -19.60 35.74
CA ARG C 47 0.28 -19.05 35.57
C ARG C 47 0.18 -17.84 34.61
N GLU C 48 0.84 -16.74 34.95
CA GLU C 48 0.72 -15.49 34.17
C GLU C 48 2.10 -14.94 33.85
N MET C 49 2.21 -14.42 32.64
CA MET C 49 3.39 -13.67 32.29
C MET C 49 3.52 -12.44 33.15
N VAL C 50 4.75 -12.16 33.59
CA VAL C 50 5.06 -10.96 34.36
C VAL C 50 5.93 -9.95 33.57
N ALA C 51 6.96 -10.45 32.91
CA ALA C 51 7.82 -9.61 32.12
C ALA C 51 8.37 -10.44 31.00
N ASP C 52 8.59 -9.80 29.85
CA ASP C 52 9.25 -10.39 28.66
C ASP C 52 10.41 -9.51 28.21
N ILE C 53 11.42 -10.14 27.64
CA ILE C 53 12.54 -9.38 27.08
C ILE C 53 13.06 -10.08 25.84
N PHE C 54 13.12 -9.32 24.77
CA PHE C 54 13.55 -9.86 23.49
C PHE C 54 15.05 -9.68 23.29
N SER C 55 15.60 -10.46 22.36
CA SER C 55 17.06 -10.61 22.25
C SER C 55 17.74 -9.26 22.14
N GLY C 56 17.07 -8.34 21.43
CA GLY C 56 17.61 -7.01 21.19
C GLY C 56 17.40 -6.08 22.37
N GLY C 57 16.80 -6.60 23.45
CA GLY C 57 16.63 -5.82 24.67
C GLY C 57 15.29 -5.18 24.96
N SER C 58 14.37 -5.14 23.99
CA SER C 58 13.06 -4.51 24.27
C SER C 58 12.27 -5.33 25.28
N THR C 59 11.44 -4.66 26.05
CA THR C 59 10.74 -5.38 27.12
C THR C 59 9.22 -5.24 27.05
N ASP C 60 8.53 -6.12 27.76
CA ASP C 60 7.09 -6.02 27.91
C ASP C 60 6.78 -6.34 29.38
N TYR C 61 5.77 -5.69 29.97
CA TYR C 61 5.42 -6.03 31.41
C TYR C 61 3.93 -6.25 31.59
N ALA C 62 3.54 -7.20 32.45
CA ALA C 62 2.16 -7.21 32.96
C ALA C 62 1.86 -5.82 33.50
N GLY C 63 0.66 -5.29 33.20
CA GLY C 63 0.29 -3.93 33.64
C GLY C 63 0.64 -3.67 35.11
N SER C 64 0.27 -4.63 35.95
CA SER C 64 0.34 -4.42 37.36
C SER C 64 1.75 -4.56 37.97
N VAL C 65 2.78 -4.83 37.17
CA VAL C 65 4.17 -4.82 37.68
C VAL C 65 5.03 -3.74 36.99
N LYS C 66 4.48 -3.08 35.98
CA LYS C 66 5.17 -2.01 35.25
C LYS C 66 5.56 -0.92 36.22
N GLY C 67 6.82 -0.49 36.14
CA GLY C 67 7.36 0.50 37.07
C GLY C 67 7.94 -0.10 38.35
N ARG C 68 7.51 -1.30 38.73
CA ARG C 68 8.06 -1.92 39.96
C ARG C 68 9.06 -3.01 39.61
N PHE C 69 8.83 -3.72 38.52
CA PHE C 69 9.70 -4.85 38.12
C PHE C 69 10.51 -4.42 36.88
N THR C 70 11.76 -4.89 36.78
CA THR C 70 12.56 -4.73 35.57
C THR C 70 13.16 -6.09 35.19
N ILE C 71 13.03 -6.42 33.92
CA ILE C 71 13.63 -7.62 33.38
C ILE C 71 14.87 -7.23 32.57
N SER C 72 15.87 -8.09 32.62
CA SER C 72 17.14 -7.85 31.95
C SER C 72 17.63 -9.20 31.41
N ARG C 73 18.53 -9.17 30.43
CA ARG C 73 19.18 -10.36 29.93
C ARG C 73 20.63 -10.03 29.56
N ASP C 74 21.45 -11.07 29.43
CA ASP C 74 22.83 -10.99 28.95
C ASP C 74 23.03 -12.17 28.00
N ASN C 75 23.00 -11.89 26.70
CA ASN C 75 23.24 -12.93 25.72
C ASN C 75 24.58 -13.63 25.85
N ALA C 76 25.62 -12.89 26.24
CA ALA C 76 26.97 -13.45 26.36
C ALA C 76 27.06 -14.48 27.50
N LYS C 77 26.39 -14.17 28.60
CA LYS C 77 26.40 -14.98 29.81
C LYS C 77 25.21 -15.96 29.84
N LYS C 78 24.32 -15.82 28.86
CA LYS C 78 23.09 -16.63 28.73
C LYS C 78 22.25 -16.59 29.99
N THR C 79 21.95 -15.40 30.46
CA THR C 79 21.19 -15.22 31.71
C THR C 79 20.08 -14.18 31.57
N SER C 80 19.17 -14.19 32.53
CA SER C 80 18.07 -13.24 32.60
C SER C 80 17.92 -12.95 34.05
N TYR C 81 17.55 -11.72 34.39
CA TYR C 81 17.17 -11.49 35.76
CA TYR C 81 17.28 -11.36 35.78
C TYR C 81 15.91 -10.64 35.85
N LEU C 82 15.24 -10.75 36.97
CA LEU C 82 14.01 -10.05 37.21
C LEU C 82 14.24 -9.30 38.53
N GLN C 83 14.33 -7.97 38.43
CA GLN C 83 14.48 -7.09 39.57
C GLN C 83 13.06 -6.76 40.03
N MET C 84 12.78 -7.01 41.30
CA MET C 84 11.45 -6.77 41.85
C MET C 84 11.56 -5.71 42.92
N ASN C 85 11.00 -4.53 42.65
CA ASN C 85 10.97 -3.47 43.66
C ASN C 85 9.54 -3.18 44.14
N ASN C 86 9.46 -2.51 45.29
CA ASN C 86 8.18 -2.20 45.92
C ASN C 86 7.24 -3.40 45.86
N VAL C 87 7.70 -4.55 46.35
CA VAL C 87 6.87 -5.74 46.26
C VAL C 87 5.61 -5.62 47.15
N LYS C 88 4.56 -6.29 46.68
CA LYS C 88 3.25 -6.19 47.26
C LYS C 88 2.74 -7.59 47.56
N PRO C 89 1.76 -7.74 48.47
CA PRO C 89 1.20 -9.06 48.74
C PRO C 89 0.75 -9.78 47.47
N GLU C 90 0.22 -9.07 46.47
CA GLU C 90 -0.20 -9.64 45.18
C GLU C 90 0.93 -10.38 44.40
N ASP C 91 2.19 -10.07 44.74
CA ASP C 91 3.36 -10.63 44.08
C ASP C 91 3.79 -12.01 44.56
N THR C 92 3.28 -12.45 45.72
CA THR C 92 3.61 -13.76 46.27
C THR C 92 3.22 -14.87 45.29
N GLY C 93 4.13 -15.81 45.08
CA GLY C 93 3.82 -16.98 44.28
C GLY C 93 5.08 -17.70 43.81
N VAL C 94 4.91 -18.66 42.91
CA VAL C 94 6.04 -19.38 42.32
C VAL C 94 6.42 -18.72 40.97
N TYR C 95 7.62 -18.20 40.88
CA TYR C 95 8.16 -17.57 39.68
C TYR C 95 8.94 -18.54 38.81
N TYR C 96 8.81 -18.36 37.51
CA TYR C 96 9.49 -19.20 36.52
C TYR C 96 10.09 -18.37 35.43
N CYS C 97 11.32 -18.71 35.05
CA CYS C 97 11.94 -18.09 33.89
C CYS C 97 11.60 -18.96 32.70
N ARG C 98 11.51 -18.34 31.52
CA ARG C 98 11.17 -19.09 30.33
C ARG C 98 12.06 -18.67 29.16
N LEU C 99 12.45 -19.66 28.35
CA LEU C 99 13.14 -19.40 27.06
C LEU C 99 12.14 -19.69 25.92
N TYR C 100 11.77 -18.68 25.16
CA TYR C 100 10.74 -18.90 24.16
C TYR C 100 11.30 -19.52 22.88
N GLY C 101 11.85 -20.74 23.02
CA GLY C 101 12.54 -21.44 21.95
C GLY C 101 11.66 -22.50 21.28
N SER C 102 12.28 -23.43 20.56
CA SER C 102 11.45 -24.43 19.86
C SER C 102 10.92 -25.53 20.77
N GLY C 103 11.23 -25.47 22.05
CA GLY C 103 10.68 -26.45 22.98
C GLY C 103 9.97 -25.83 24.17
N ASP C 104 9.68 -26.63 25.20
CA ASP C 104 9.13 -26.07 26.44
C ASP C 104 10.28 -25.87 27.39
N TYR C 105 10.77 -24.65 27.47
CA TYR C 105 12.01 -24.39 28.19
C TYR C 105 11.68 -23.51 29.40
N TRP C 106 11.55 -24.15 30.56
CA TRP C 106 11.19 -23.48 31.81
C TRP C 106 12.18 -23.73 32.93
N GLY C 107 12.33 -22.74 33.81
CA GLY C 107 13.12 -22.94 35.01
C GLY C 107 12.34 -23.76 36.03
N GLN C 108 12.98 -24.11 37.13
CA GLN C 108 12.39 -25.09 38.05
C GLN C 108 11.20 -24.56 38.82
N GLY C 109 11.14 -23.23 38.92
CA GLY C 109 10.14 -22.59 39.77
C GLY C 109 10.72 -22.13 41.10
N THR C 110 10.62 -20.84 41.43
CA THR C 110 11.17 -20.40 42.72
C THR C 110 10.21 -19.53 43.46
N GLN C 111 10.05 -19.84 44.75
CA GLN C 111 9.05 -19.22 45.59
C GLN C 111 9.49 -17.82 45.90
N VAL C 112 8.55 -16.88 45.82
CA VAL C 112 8.72 -15.57 46.42
C VAL C 112 7.54 -15.37 47.34
N THR C 113 7.83 -15.10 48.61
CA THR C 113 6.81 -14.79 49.60
C THR C 113 7.00 -13.38 50.16
N VAL C 114 6.01 -12.53 49.96
CA VAL C 114 6.04 -11.17 50.47
C VAL C 114 5.43 -11.10 51.90
N SER C 115 6.20 -10.59 52.84
CA SER C 115 5.76 -10.59 54.24
C SER C 115 5.57 -9.21 54.75
N SER C 116 4.46 -8.97 55.45
CA SER C 116 4.29 -7.70 56.14
C SER C 116 5.07 -7.66 57.45
#